data_8F5F
#
_entry.id   8F5F
#
_cell.length_a   118.37
_cell.length_b   118.37
_cell.length_c   156.23
_cell.angle_alpha   90
_cell.angle_beta   90
_cell.angle_gamma   90
#
_symmetry.space_group_name_H-M   'P 41 2 2'
#
loop_
_entity.id
_entity.type
_entity.pdbx_description
1 polymer '[3-methyl-2-oxobutanoate dehydrogenase [lipoamide]] kinase, mitochondrial'
2 non-polymer "ADENOSINE-5'-DIPHOSPHATE"
3 non-polymer 'MAGNESIUM ION'
4 non-polymer '(2P)-2-[(4P)-4-{6-[(1-ethylcyclopropyl)methoxy]pyridin-3-yl}-1,3-thiazol-2-yl]benzoic acid'
5 non-polymer 'SULFATE ION'
6 water water
#
_entity_poly.entity_id   1
_entity_poly.type   'polypeptide(L)'
_entity_poly.pdbx_seq_one_letter_code
;STSATDTHHVEMARERSKTVTSFYNQSAIDAAAEKPSVRLTPTMMLYAGRSQDGSHLLKSARYLQQELPVRIAHRIKGFR
CLPFIIGCNPTILHVHELYIRAFQKLTDFPPIKDQADEAQYCQLVRQLLDDHKDVVTLLAEGLRESRKHIEDEKLVRYFL
DKTLTSRLGIRMLATHHLALHEDKPDFVGIICTRLSPKKIIEKWVDFARRLCEHKYGNAPRVRINGHVAARFPFIPMPLD
YILPELLKNAMRATMESHLDTPYNVPDVVITIANNDVDLIIRISDRGGGIAHKDLDRVMDYHFTTAEASTQDPRISPLFG
HLDMHSGAQSGPMHGFGFGLPTSRAYAEYLGGSLQLQSLQGIGTDVYLRLRHIDGREESFRIHHHHHH
;
_entity_poly.pdbx_strand_id   A,B
#
loop_
_chem_comp.id
_chem_comp.type
_chem_comp.name
_chem_comp.formula
ADP non-polymer ADENOSINE-5'-DIPHOSPHATE 'C10 H15 N5 O10 P2'
MG non-polymer 'MAGNESIUM ION' 'Mg 2'
SO4 non-polymer 'SULFATE ION' 'O4 S -2'
XGG non-polymer '(2P)-2-[(4P)-4-{6-[(1-ethylcyclopropyl)methoxy]pyridin-3-yl}-1,3-thiazol-2-yl]benzoic acid' 'C21 H20 N2 O3 S'
#
# COMPACT_ATOMS: atom_id res chain seq x y z
N TYR A 24 34.04 31.49 4.30
CA TYR A 24 33.07 31.66 5.37
C TYR A 24 33.71 31.50 6.77
N ASN A 25 34.50 30.41 6.98
CA ASN A 25 35.19 30.08 8.22
C ASN A 25 34.27 30.05 9.47
N GLN A 26 33.07 29.42 9.36
CA GLN A 26 32.12 29.32 10.47
C GLN A 26 32.10 27.93 11.14
N SER A 27 32.47 27.88 12.42
CA SER A 27 32.56 26.63 13.19
C SER A 27 31.22 25.97 13.48
N ALA A 28 30.13 26.75 13.52
CA ALA A 28 28.79 26.22 13.79
C ALA A 28 28.33 25.31 12.65
N ILE A 29 28.64 25.69 11.40
CA ILE A 29 28.29 24.93 10.19
C ILE A 29 29.11 23.65 10.11
N ASP A 30 30.39 23.70 10.54
CA ASP A 30 31.31 22.55 10.54
C ASP A 30 30.73 21.38 11.34
N ALA A 31 30.02 21.68 12.44
CA ALA A 31 29.41 20.70 13.32
C ALA A 31 28.30 19.88 12.63
N ALA A 32 27.44 20.55 11.84
CA ALA A 32 26.33 19.90 11.15
C ALA A 32 26.67 19.32 9.78
N ALA A 33 27.83 19.68 9.21
CA ALA A 33 28.25 19.16 7.90
C ALA A 33 28.64 17.68 7.97
N GLU A 34 29.12 17.23 9.15
CA GLU A 34 29.56 15.86 9.41
C GLU A 34 28.44 14.97 9.94
N LYS A 35 27.44 15.54 10.65
CA LYS A 35 26.33 14.73 11.16
C LYS A 35 25.45 14.21 10.02
N PRO A 36 25.22 12.88 9.99
CA PRO A 36 24.49 12.30 8.85
C PRO A 36 23.00 12.63 8.78
N SER A 37 22.48 12.55 7.54
CA SER A 37 21.09 12.82 7.21
C SER A 37 20.16 11.71 7.65
N VAL A 38 18.92 12.07 7.99
CA VAL A 38 17.85 11.16 8.39
C VAL A 38 16.69 11.35 7.42
N ARG A 39 16.32 10.31 6.67
CA ARG A 39 15.24 10.40 5.69
C ARG A 39 13.97 9.70 6.17
N LEU A 40 12.86 10.45 6.26
CA LEU A 40 11.58 9.92 6.71
C LEU A 40 10.94 9.06 5.62
N THR A 41 10.93 7.73 5.80
CA THR A 41 10.37 6.76 4.84
C THR A 41 8.86 7.00 4.61
N PRO A 42 8.37 6.76 3.37
CA PRO A 42 6.94 7.01 3.08
C PRO A 42 5.95 6.44 4.09
N THR A 43 6.20 5.22 4.59
CA THR A 43 5.33 4.55 5.57
C THR A 43 5.40 5.24 6.94
N MET A 44 6.59 5.75 7.30
CA MET A 44 6.79 6.49 8.56
C MET A 44 6.11 7.87 8.51
N MET A 45 6.03 8.48 7.31
CA MET A 45 5.37 9.75 7.09
C MET A 45 3.85 9.58 7.23
N LEU A 46 3.31 8.47 6.67
CA LEU A 46 1.89 8.11 6.72
C LEU A 46 1.42 7.77 8.15
N TYR A 47 2.34 7.33 9.01
CA TYR A 47 2.06 7.00 10.41
C TYR A 47 2.01 8.29 11.26
N ALA A 48 1.20 9.25 10.83
CA ALA A 48 0.98 10.52 11.52
C ALA A 48 -0.45 10.98 11.26
N GLY A 49 -1.27 10.87 12.29
CA GLY A 49 -2.68 11.25 12.22
C GLY A 49 -3.31 11.24 13.59
N ARG A 50 -2.72 11.97 14.55
CA ARG A 50 -3.19 12.06 15.94
C ARG A 50 -4.16 13.24 16.12
N SER A 51 -5.13 13.37 15.18
CA SER A 51 -6.16 14.41 15.08
C SER A 51 -6.76 14.88 16.42
N GLN A 52 -7.20 13.93 17.28
CA GLN A 52 -7.82 14.27 18.57
C GLN A 52 -6.75 14.64 19.61
N ASP A 53 -5.66 15.27 19.17
CA ASP A 53 -4.57 15.65 20.05
C ASP A 53 -3.66 16.70 19.42
N GLY A 54 -3.40 16.56 18.12
CA GLY A 54 -2.46 17.43 17.43
C GLY A 54 -1.02 17.14 17.81
N SER A 55 -0.75 15.96 18.41
CA SER A 55 0.58 15.54 18.83
C SER A 55 1.44 15.08 17.66
N HIS A 56 0.82 14.66 16.53
CA HIS A 56 1.54 14.26 15.33
C HIS A 56 2.19 15.48 14.65
N LEU A 57 1.57 16.66 14.76
CA LEU A 57 2.03 17.93 14.21
C LEU A 57 3.34 18.35 14.87
N LEU A 58 3.42 18.24 16.19
CA LEU A 58 4.62 18.63 16.93
C LEU A 58 5.77 17.65 16.73
N LYS A 59 5.47 16.35 16.63
CA LYS A 59 6.47 15.29 16.43
C LYS A 59 7.21 15.49 15.10
N SER A 60 6.45 15.88 14.06
CA SER A 60 6.94 16.11 12.71
C SER A 60 7.74 17.40 12.61
N ALA A 61 7.29 18.45 13.30
CA ALA A 61 7.95 19.75 13.32
C ALA A 61 9.27 19.68 14.06
N ARG A 62 9.34 18.87 15.13
CA ARG A 62 10.56 18.65 15.89
C ARG A 62 11.61 17.90 15.06
N TYR A 63 11.17 17.07 14.11
CA TYR A 63 12.08 16.40 13.19
C TYR A 63 12.60 17.41 12.15
N LEU A 64 11.68 18.18 11.52
CA LEU A 64 11.97 19.17 10.49
C LEU A 64 12.96 20.24 10.97
N GLN A 65 12.82 20.65 12.23
CA GLN A 65 13.67 21.65 12.88
C GLN A 65 15.11 21.16 13.00
N GLN A 66 15.29 19.85 13.20
CA GLN A 66 16.59 19.20 13.36
C GLN A 66 17.20 18.78 12.03
N GLU A 67 16.36 18.36 11.09
CA GLU A 67 16.78 17.88 9.79
C GLU A 67 17.11 18.97 8.79
N LEU A 68 16.35 20.07 8.77
CA LEU A 68 16.61 21.15 7.81
C LEU A 68 18.03 21.74 7.89
N PRO A 69 18.64 22.00 9.08
CA PRO A 69 20.00 22.55 9.08
C PRO A 69 21.07 21.56 8.63
N VAL A 70 20.82 20.25 8.80
CA VAL A 70 21.77 19.21 8.38
C VAL A 70 21.87 19.17 6.85
N ARG A 71 20.71 19.29 6.17
CA ARG A 71 20.65 19.31 4.72
C ARG A 71 21.35 20.55 4.18
N ILE A 72 21.11 21.71 4.83
CA ILE A 72 21.71 22.99 4.43
C ILE A 72 23.22 22.91 4.59
N ALA A 73 23.70 22.39 5.73
CA ALA A 73 25.14 22.27 6.00
C ALA A 73 25.85 21.33 5.02
N HIS A 74 25.21 20.20 4.67
CA HIS A 74 25.75 19.25 3.69
C HIS A 74 26.00 19.95 2.34
N ARG A 75 25.16 20.95 2.00
CA ARG A 75 25.31 21.71 0.76
C ARG A 75 26.31 22.80 0.86
N ILE A 76 26.40 23.46 2.03
CA ILE A 76 27.44 24.47 2.28
C ILE A 76 28.83 23.79 2.11
N LYS A 77 28.95 22.52 2.57
CA LYS A 77 30.13 21.68 2.43
C LYS A 77 30.51 21.51 0.95
N GLY A 78 29.49 21.40 0.09
CA GLY A 78 29.66 21.29 -1.35
C GLY A 78 30.19 22.56 -1.99
N PHE A 79 29.75 23.73 -1.48
CA PHE A 79 30.22 25.04 -1.92
C PHE A 79 31.67 25.24 -1.49
N ARG A 80 32.02 24.78 -0.28
CA ARG A 80 33.36 24.83 0.27
C ARG A 80 34.34 23.96 -0.52
N CYS A 81 33.84 22.86 -1.10
CA CYS A 81 34.65 21.94 -1.89
C CYS A 81 34.82 22.34 -3.36
N LEU A 82 34.07 23.38 -3.82
CA LEU A 82 34.22 23.91 -5.18
C LEU A 82 35.65 24.45 -5.32
N PRO A 83 36.31 24.39 -6.51
CA PRO A 83 37.64 25.01 -6.62
C PRO A 83 37.56 26.50 -6.23
N PHE A 84 38.59 27.03 -5.59
CA PHE A 84 38.58 28.40 -5.11
C PHE A 84 38.17 29.45 -6.15
N ILE A 85 38.75 29.37 -7.36
CA ILE A 85 38.46 30.31 -8.45
C ILE A 85 36.97 30.37 -8.82
N ILE A 86 36.26 29.22 -8.80
CA ILE A 86 34.83 29.13 -9.09
C ILE A 86 34.00 29.63 -7.90
N GLY A 87 34.32 29.17 -6.69
CA GLY A 87 33.62 29.59 -5.48
C GLY A 87 33.66 31.08 -5.20
N CYS A 88 34.62 31.77 -5.84
CA CYS A 88 34.85 33.20 -5.75
C CYS A 88 33.95 34.02 -6.62
N ASN A 89 33.27 33.41 -7.62
CA ASN A 89 32.36 34.14 -8.51
C ASN A 89 31.28 34.83 -7.67
N PRO A 90 31.03 36.13 -7.92
CA PRO A 90 30.05 36.88 -7.10
C PRO A 90 28.66 36.25 -6.99
N THR A 91 28.22 35.56 -8.05
CA THR A 91 26.92 34.90 -8.07
C THR A 91 26.99 33.63 -7.23
N ILE A 92 28.08 32.85 -7.37
CA ILE A 92 28.28 31.64 -6.58
C ILE A 92 28.38 31.99 -5.09
N LEU A 93 29.14 33.05 -4.77
CA LEU A 93 29.33 33.56 -3.41
C LEU A 93 28.01 34.02 -2.81
N HIS A 94 27.15 34.65 -3.62
CA HIS A 94 25.85 35.11 -3.16
C HIS A 94 24.97 33.91 -2.75
N VAL A 95 24.96 32.85 -3.57
CA VAL A 95 24.18 31.65 -3.26
C VAL A 95 24.75 30.93 -2.03
N HIS A 96 26.09 30.92 -1.90
CA HIS A 96 26.79 30.34 -0.75
C HIS A 96 26.38 31.11 0.51
N GLU A 97 26.35 32.45 0.43
CA GLU A 97 25.95 33.34 1.51
C GLU A 97 24.48 33.09 1.90
N LEU A 98 23.62 32.84 0.90
CA LEU A 98 22.20 32.55 1.10
C LEU A 98 22.03 31.27 1.90
N TYR A 99 22.84 30.24 1.61
CA TYR A 99 22.79 28.96 2.31
C TYR A 99 23.28 29.13 3.75
N ILE A 100 24.30 29.98 3.97
CA ILE A 100 24.81 30.23 5.32
C ILE A 100 23.78 30.96 6.18
N ARG A 101 23.18 32.05 5.64
CA ARG A 101 22.15 32.80 6.34
C ARG A 101 20.91 31.95 6.61
N ALA A 102 20.60 30.99 5.72
CA ALA A 102 19.46 30.09 5.90
C ALA A 102 19.73 29.15 7.08
N PHE A 103 20.97 28.63 7.19
CA PHE A 103 21.39 27.76 8.28
C PHE A 103 21.33 28.53 9.60
N GLN A 104 21.78 29.81 9.59
CA GLN A 104 21.75 30.66 10.78
C GLN A 104 20.31 30.87 11.25
N LYS A 105 19.41 31.35 10.36
CA LYS A 105 18.00 31.57 10.66
C LYS A 105 17.31 30.34 11.23
N LEU A 106 17.59 29.15 10.67
CA LEU A 106 16.97 27.91 11.14
C LEU A 106 17.48 27.44 12.50
N THR A 107 18.81 27.42 12.71
CA THR A 107 19.39 26.98 13.98
C THR A 107 19.11 27.94 15.15
N ASP A 108 19.03 29.26 14.86
CA ASP A 108 18.75 30.29 15.87
C ASP A 108 17.37 30.13 16.50
N PHE A 109 16.42 29.52 15.77
CA PHE A 109 15.07 29.27 16.25
C PHE A 109 15.06 28.32 17.45
N PRO A 110 14.36 28.70 18.53
CA PRO A 110 14.33 27.84 19.74
C PRO A 110 13.48 26.59 19.55
N PRO A 111 13.85 25.47 20.22
CA PRO A 111 13.06 24.22 20.05
C PRO A 111 11.54 24.33 20.16
N ILE A 112 10.83 23.48 19.39
CA ILE A 112 9.37 23.46 19.33
C ILE A 112 8.77 22.70 20.51
N LYS A 113 7.94 23.38 21.29
CA LYS A 113 7.31 22.77 22.46
C LYS A 113 5.79 22.75 22.33
N ASP A 114 5.20 23.85 21.82
CA ASP A 114 3.74 23.92 21.67
C ASP A 114 3.30 24.38 20.25
N GLN A 115 1.97 24.52 20.02
CA GLN A 115 1.38 24.94 18.75
C GLN A 115 1.81 26.37 18.32
N ALA A 116 2.28 27.19 19.27
CA ALA A 116 2.78 28.52 18.97
C ALA A 116 4.20 28.44 18.39
N ASP A 117 5.03 27.52 18.94
CA ASP A 117 6.40 27.28 18.47
C ASP A 117 6.44 26.60 17.09
N GLU A 118 5.42 25.78 16.80
CA GLU A 118 5.26 25.08 15.53
C GLU A 118 4.83 26.06 14.44
N ALA A 119 3.94 27.01 14.78
CA ALA A 119 3.42 27.99 13.84
C ALA A 119 4.47 29.00 13.39
N GLN A 120 5.35 29.45 14.31
CA GLN A 120 6.41 30.40 13.96
C GLN A 120 7.43 29.77 13.00
N TYR A 121 7.70 28.45 13.16
CA TYR A 121 8.64 27.74 12.29
C TYR A 121 8.10 27.64 10.89
N CYS A 122 6.80 27.33 10.75
CA CYS A 122 6.12 27.21 9.45
C CYS A 122 6.19 28.49 8.63
N GLN A 123 6.19 29.65 9.30
CA GLN A 123 6.28 30.94 8.64
C GLN A 123 7.69 31.17 8.13
N LEU A 124 8.71 30.78 8.91
CA LEU A 124 10.11 30.92 8.54
C LEU A 124 10.42 30.00 7.35
N VAL A 125 9.93 28.76 7.40
CA VAL A 125 10.10 27.77 6.34
C VAL A 125 9.46 28.26 5.06
N ARG A 126 8.27 28.87 5.12
CA ARG A 126 7.60 29.39 3.92
C ARG A 126 8.35 30.57 3.31
N GLN A 127 8.97 31.40 4.16
CA GLN A 127 9.74 32.55 3.70
C GLN A 127 11.04 32.07 3.08
N LEU A 128 11.72 31.14 3.75
CA LEU A 128 12.97 30.60 3.21
C LEU A 128 12.76 29.77 1.94
N LEU A 129 11.58 29.16 1.77
CA LEU A 129 11.25 28.45 0.53
C LEU A 129 11.03 29.46 -0.64
N ASP A 130 10.68 30.71 -0.33
CA ASP A 130 10.48 31.77 -1.32
C ASP A 130 11.79 32.52 -1.62
N ASP A 131 12.64 32.72 -0.60
CA ASP A 131 13.95 33.38 -0.74
C ASP A 131 14.90 32.55 -1.64
N HIS A 132 14.78 31.21 -1.56
CA HIS A 132 15.62 30.28 -2.31
C HIS A 132 15.00 29.82 -3.62
N LYS A 133 13.89 30.41 -4.09
CA LYS A 133 13.23 29.94 -5.31
C LYS A 133 14.08 30.06 -6.58
N ASP A 134 15.00 31.05 -6.64
CA ASP A 134 15.83 31.24 -7.83
C ASP A 134 17.30 30.79 -7.69
N VAL A 135 17.66 30.04 -6.62
CA VAL A 135 19.02 29.56 -6.35
C VAL A 135 19.65 28.84 -7.57
N VAL A 136 18.92 27.90 -8.17
CA VAL A 136 19.41 27.11 -9.30
C VAL A 136 19.73 27.96 -10.53
N THR A 137 18.90 28.96 -10.83
CA THR A 137 19.15 29.85 -11.96
C THR A 137 20.38 30.73 -11.71
N LEU A 138 20.60 31.19 -10.46
CA LEU A 138 21.77 31.99 -10.12
C LEU A 138 23.04 31.12 -10.15
N LEU A 139 22.93 29.90 -9.63
CA LEU A 139 24.01 28.95 -9.59
C LEU A 139 24.49 28.59 -11.01
N ALA A 140 23.57 28.25 -11.93
CA ALA A 140 23.88 27.90 -13.32
C ALA A 140 24.53 29.06 -14.02
N GLU A 141 24.09 30.29 -13.73
CA GLU A 141 24.66 31.48 -14.31
C GLU A 141 26.09 31.70 -13.81
N GLY A 142 26.30 31.58 -12.51
CA GLY A 142 27.63 31.70 -11.92
C GLY A 142 28.59 30.67 -12.47
N LEU A 143 28.12 29.43 -12.65
CA LEU A 143 28.93 28.33 -13.20
C LEU A 143 29.22 28.55 -14.67
N ARG A 144 28.26 29.10 -15.42
CA ARG A 144 28.39 29.42 -16.85
C ARG A 144 29.43 30.52 -17.01
N GLU A 145 29.38 31.55 -16.15
CA GLU A 145 30.32 32.68 -16.13
C GLU A 145 31.77 32.24 -15.85
N SER A 146 31.93 31.12 -15.13
CA SER A 146 33.22 30.56 -14.73
C SER A 146 33.77 29.48 -15.67
N ARG A 147 33.14 29.27 -16.85
CA ARG A 147 33.50 28.21 -17.79
C ARG A 147 34.97 28.15 -18.14
N LYS A 148 35.62 29.32 -18.26
CA LYS A 148 37.03 29.41 -18.62
C LYS A 148 37.96 28.79 -17.60
N HIS A 149 37.54 28.76 -16.32
CA HIS A 149 38.32 28.19 -15.22
C HIS A 149 37.97 26.74 -14.91
N ILE A 150 36.84 26.24 -15.42
CA ILE A 150 36.40 24.88 -15.17
C ILE A 150 37.19 23.88 -16.02
N GLU A 151 37.97 23.02 -15.33
CA GLU A 151 38.79 22.00 -15.99
C GLU A 151 38.06 20.65 -16.08
N ASP A 152 37.37 20.24 -14.99
CA ASP A 152 36.61 18.99 -14.96
C ASP A 152 35.27 19.21 -15.67
N GLU A 153 34.99 18.46 -16.74
CA GLU A 153 33.75 18.60 -17.49
C GLU A 153 32.53 18.19 -16.66
N LYS A 154 32.71 17.15 -15.82
CA LYS A 154 31.67 16.61 -14.92
C LYS A 154 31.34 17.52 -13.75
N LEU A 155 32.23 18.47 -13.40
CA LEU A 155 32.09 19.38 -12.27
C LEU A 155 30.73 20.09 -12.22
N VAL A 156 30.34 20.72 -13.35
CA VAL A 156 29.10 21.46 -13.46
C VAL A 156 27.89 20.54 -13.37
N ARG A 157 27.92 19.40 -14.08
CA ARG A 157 26.81 18.45 -14.06
C ARG A 157 26.61 17.89 -12.65
N TYR A 158 27.70 17.47 -11.99
CA TYR A 158 27.60 16.90 -10.64
C TYR A 158 27.19 17.93 -9.60
N PHE A 159 27.63 19.19 -9.74
CA PHE A 159 27.23 20.22 -8.78
C PHE A 159 25.76 20.58 -8.91
N LEU A 160 25.27 20.72 -10.15
CA LEU A 160 23.87 21.06 -10.38
C LEU A 160 22.97 19.88 -10.01
N ASP A 161 23.40 18.64 -10.30
CA ASP A 161 22.65 17.42 -9.96
C ASP A 161 22.45 17.34 -8.44
N LYS A 162 23.53 17.55 -7.68
CA LYS A 162 23.52 17.49 -6.22
C LYS A 162 22.75 18.63 -5.61
N THR A 163 22.78 19.83 -6.22
CA THR A 163 22.04 20.97 -5.70
C THR A 163 20.54 20.76 -5.92
N LEU A 164 20.16 20.31 -7.14
CA LEU A 164 18.78 20.07 -7.52
C LEU A 164 18.13 18.95 -6.70
N THR A 165 18.88 17.86 -6.43
CA THR A 165 18.34 16.75 -5.63
C THR A 165 18.26 17.07 -4.15
N SER A 166 19.20 17.89 -3.64
CA SER A 166 19.20 18.32 -2.24
C SER A 166 17.96 19.17 -1.98
N ARG A 167 17.68 20.10 -2.91
CA ARG A 167 16.55 21.01 -2.88
C ARG A 167 15.26 20.24 -2.96
N LEU A 168 15.20 19.17 -3.80
CA LEU A 168 14.00 18.34 -3.94
C LEU A 168 13.73 17.65 -2.61
N GLY A 169 14.78 17.11 -1.99
CA GLY A 169 14.70 16.45 -0.69
C GLY A 169 14.18 17.38 0.38
N ILE A 170 14.75 18.61 0.45
CA ILE A 170 14.35 19.67 1.38
C ILE A 170 12.90 20.10 1.12
N ARG A 171 12.56 20.36 -0.14
CA ARG A 171 11.21 20.77 -0.56
C ARG A 171 10.18 19.70 -0.25
N MET A 172 10.57 18.42 -0.31
CA MET A 172 9.66 17.33 0.02
C MET A 172 9.35 17.30 1.51
N LEU A 173 10.38 17.42 2.36
CA LEU A 173 10.19 17.45 3.82
C LEU A 173 9.41 18.69 4.27
N ALA A 174 9.81 19.88 3.78
CA ALA A 174 9.18 21.13 4.15
C ALA A 174 7.72 21.20 3.67
N THR A 175 7.46 20.86 2.39
CA THR A 175 6.10 20.88 1.86
C THR A 175 5.23 19.83 2.55
N HIS A 176 5.80 18.68 2.94
CA HIS A 176 5.04 17.63 3.62
C HIS A 176 4.50 18.12 4.95
N HIS A 177 5.37 18.75 5.77
CA HIS A 177 4.99 19.27 7.07
C HIS A 177 3.99 20.41 6.99
N LEU A 178 4.19 21.31 6.01
CA LEU A 178 3.29 22.43 5.79
C LEU A 178 1.90 21.94 5.30
N ALA A 179 1.87 20.84 4.53
CA ALA A 179 0.64 20.24 4.02
C ALA A 179 -0.09 19.40 5.06
N LEU A 180 0.56 19.06 6.18
CA LEU A 180 -0.09 18.33 7.27
C LEU A 180 -1.17 19.17 7.98
N HIS A 181 -1.13 20.51 7.81
CA HIS A 181 -2.11 21.47 8.33
C HIS A 181 -3.36 21.58 7.43
N GLU A 182 -3.24 21.20 6.16
CA GLU A 182 -4.32 21.17 5.18
C GLU A 182 -5.11 19.87 5.39
N ASP A 183 -6.37 19.84 4.94
CA ASP A 183 -7.17 18.63 5.01
C ASP A 183 -7.52 18.24 3.58
N LYS A 184 -6.49 18.17 2.71
CA LYS A 184 -6.65 17.84 1.30
C LYS A 184 -7.15 16.40 1.15
N PRO A 185 -8.25 16.21 0.39
CA PRO A 185 -8.76 14.85 0.20
C PRO A 185 -7.80 13.94 -0.58
N ASP A 186 -7.72 12.67 -0.13
CA ASP A 186 -6.86 11.62 -0.67
C ASP A 186 -5.38 11.90 -0.45
N PHE A 187 -5.02 12.77 0.51
CA PHE A 187 -3.63 13.10 0.76
C PHE A 187 -3.28 13.09 2.22
N VAL A 188 -2.05 12.71 2.53
CA VAL A 188 -1.47 12.73 3.87
C VAL A 188 -0.21 13.57 3.66
N GLY A 189 -0.36 14.88 3.76
CA GLY A 189 0.73 15.80 3.46
C GLY A 189 0.95 15.81 1.96
N ILE A 190 2.14 15.37 1.51
CA ILE A 190 2.45 15.31 0.08
C ILE A 190 2.24 13.91 -0.55
N ILE A 191 1.82 12.92 0.24
CA ILE A 191 1.58 11.59 -0.27
C ILE A 191 0.12 11.46 -0.67
N CYS A 192 -0.16 11.14 -1.93
CA CYS A 192 -1.51 10.90 -2.39
C CYS A 192 -1.78 9.43 -2.16
N THR A 193 -2.83 9.10 -1.42
CA THR A 193 -3.19 7.72 -1.09
C THR A 193 -3.86 6.96 -2.25
N ARG A 194 -4.43 7.69 -3.22
CA ARG A 194 -5.20 7.12 -4.33
C ARG A 194 -4.73 7.75 -5.69
N LEU A 195 -3.40 7.90 -5.92
CA LEU A 195 -2.91 8.53 -7.16
C LEU A 195 -3.20 7.76 -8.44
N SER A 196 -3.76 8.46 -9.43
CA SER A 196 -4.00 7.88 -10.74
C SER A 196 -2.97 8.48 -11.70
N PRO A 197 -2.03 7.68 -12.22
CA PRO A 197 -1.06 8.21 -13.18
C PRO A 197 -1.70 8.79 -14.44
N LYS A 198 -2.85 8.26 -14.87
CA LYS A 198 -3.55 8.79 -16.05
C LYS A 198 -4.04 10.20 -15.81
N LYS A 199 -4.62 10.47 -14.64
CA LYS A 199 -5.13 11.78 -14.31
C LYS A 199 -4.02 12.83 -14.21
N ILE A 200 -2.88 12.50 -13.57
CA ILE A 200 -1.75 13.44 -13.45
C ILE A 200 -1.13 13.72 -14.85
N ILE A 201 -1.10 12.72 -15.72
CA ILE A 201 -0.61 12.91 -17.08
C ILE A 201 -1.58 13.88 -17.82
N GLU A 202 -2.89 13.61 -17.73
CA GLU A 202 -3.93 14.42 -18.36
C GLU A 202 -3.87 15.88 -17.94
N LYS A 203 -3.59 16.11 -16.67
CA LYS A 203 -3.48 17.41 -16.05
C LYS A 203 -2.39 18.27 -16.75
N TRP A 204 -1.25 17.63 -17.06
CA TRP A 204 -0.15 18.34 -17.70
C TRP A 204 -0.20 18.35 -19.20
N VAL A 205 -0.93 17.41 -19.80
CA VAL A 205 -1.06 17.30 -21.24
C VAL A 205 -1.77 18.54 -21.78
N ASP A 206 -2.88 18.92 -21.16
CA ASP A 206 -3.64 20.11 -21.57
C ASP A 206 -2.85 21.38 -21.36
N PHE A 207 -2.10 21.43 -20.24
CA PHE A 207 -1.23 22.55 -19.92
C PHE A 207 -0.11 22.73 -21.02
N ALA A 208 0.64 21.65 -21.34
CA ALA A 208 1.71 21.65 -22.33
C ALA A 208 1.18 21.97 -23.73
N ARG A 209 -0.03 21.49 -24.07
CA ARG A 209 -0.66 21.78 -25.36
C ARG A 209 -0.94 23.28 -25.51
N ARG A 210 -1.26 23.98 -24.40
CA ARG A 210 -1.53 25.41 -24.44
C ARG A 210 -0.27 26.20 -24.74
N LEU A 211 0.86 25.74 -24.19
CA LEU A 211 2.16 26.38 -24.41
C LEU A 211 2.66 26.14 -25.85
N CYS A 212 2.41 24.93 -26.36
CA CYS A 212 2.78 24.52 -27.70
C CYS A 212 1.94 25.26 -28.74
N GLU A 213 0.63 25.42 -28.46
CA GLU A 213 -0.29 26.14 -29.34
C GLU A 213 0.11 27.60 -29.47
N HIS A 214 0.61 28.20 -28.38
CA HIS A 214 1.03 29.60 -28.36
C HIS A 214 2.23 29.85 -29.28
N LYS A 215 3.17 28.90 -29.31
CA LYS A 215 4.36 29.05 -30.12
C LYS A 215 4.18 28.61 -31.57
N TYR A 216 3.53 27.46 -31.79
CA TYR A 216 3.40 26.85 -33.11
C TYR A 216 2.05 26.97 -33.81
N GLY A 217 1.04 27.50 -33.14
CA GLY A 217 -0.28 27.59 -33.72
C GLY A 217 -1.14 26.33 -33.54
N ASN A 218 -0.51 25.23 -33.11
CA ASN A 218 -1.18 23.96 -32.88
C ASN A 218 -0.33 23.10 -31.93
N ALA A 219 -0.89 22.01 -31.43
CA ALA A 219 -0.17 21.08 -30.58
C ALA A 219 -0.63 19.66 -30.94
N PRO A 220 0.25 18.64 -30.84
CA PRO A 220 -0.22 17.26 -31.11
C PRO A 220 -1.20 16.76 -30.06
N ARG A 221 -2.23 16.01 -30.49
CA ARG A 221 -3.18 15.43 -29.54
C ARG A 221 -2.42 14.31 -28.76
N VAL A 222 -2.70 14.14 -27.46
CA VAL A 222 -2.00 13.09 -26.69
C VAL A 222 -2.92 11.89 -26.40
N ARG A 223 -2.42 10.69 -26.68
CA ARG A 223 -3.19 9.47 -26.49
C ARG A 223 -2.58 8.71 -25.32
N ILE A 224 -3.40 8.32 -24.33
CA ILE A 224 -2.89 7.58 -23.17
C ILE A 224 -3.45 6.16 -23.12
N ASN A 225 -2.55 5.15 -23.09
CA ASN A 225 -2.94 3.74 -23.04
C ASN A 225 -2.17 2.99 -21.93
N GLY A 226 -2.37 1.68 -21.82
CA GLY A 226 -1.73 0.88 -20.79
C GLY A 226 -2.61 0.79 -19.56
N HIS A 227 -2.02 0.79 -18.38
CA HIS A 227 -2.76 0.67 -17.13
C HIS A 227 -3.40 2.00 -16.74
N VAL A 228 -4.37 2.44 -17.55
CA VAL A 228 -5.08 3.69 -17.41
C VAL A 228 -5.88 3.79 -16.11
N ALA A 229 -6.36 2.65 -15.57
CA ALA A 229 -7.12 2.68 -14.33
C ALA A 229 -6.30 2.35 -13.07
N ALA A 230 -4.95 2.36 -13.19
CA ALA A 230 -4.09 2.05 -12.05
C ALA A 230 -4.23 3.14 -11.00
N ARG A 231 -4.30 2.73 -9.73
CA ARG A 231 -4.41 3.64 -8.58
C ARG A 231 -3.58 3.10 -7.44
N PHE A 232 -2.74 3.95 -6.88
CA PHE A 232 -1.81 3.55 -5.82
C PHE A 232 -1.29 4.76 -5.02
N PRO A 233 -0.82 4.56 -3.78
CA PRO A 233 -0.20 5.67 -3.04
C PRO A 233 1.09 6.11 -3.73
N PHE A 234 1.33 7.42 -3.79
CA PHE A 234 2.51 7.97 -4.46
C PHE A 234 2.73 9.44 -4.14
N ILE A 235 3.96 9.94 -4.30
CA ILE A 235 4.26 11.36 -4.12
C ILE A 235 4.27 12.02 -5.51
N PRO A 236 3.25 12.82 -5.83
CA PRO A 236 3.17 13.43 -7.17
C PRO A 236 4.13 14.57 -7.44
N MET A 237 4.67 15.24 -6.40
CA MET A 237 5.61 16.37 -6.53
C MET A 237 6.66 16.21 -7.66
N PRO A 238 7.50 15.13 -7.69
CA PRO A 238 8.47 15.01 -8.79
C PRO A 238 7.82 14.87 -10.18
N LEU A 239 6.68 14.17 -10.29
CA LEU A 239 5.93 14.01 -11.54
C LEU A 239 5.40 15.38 -12.06
N ASP A 240 5.09 16.30 -11.12
CA ASP A 240 4.64 17.64 -11.45
C ASP A 240 5.71 18.46 -12.18
N TYR A 241 6.99 18.05 -12.10
CA TYR A 241 8.06 18.72 -12.83
C TYR A 241 8.37 17.94 -14.10
N ILE A 242 8.65 16.63 -13.95
CA ILE A 242 9.07 15.78 -15.05
C ILE A 242 8.09 15.73 -16.22
N LEU A 243 6.80 15.38 -15.96
CA LEU A 243 5.76 15.28 -16.99
C LEU A 243 5.62 16.53 -17.86
N PRO A 244 5.40 17.75 -17.33
CA PRO A 244 5.32 18.91 -18.24
C PRO A 244 6.61 19.11 -19.06
N GLU A 245 7.80 18.82 -18.49
CA GLU A 245 9.06 18.99 -19.23
C GLU A 245 9.17 18.04 -20.38
N LEU A 246 8.84 16.75 -20.13
CA LEU A 246 8.91 15.71 -21.15
C LEU A 246 7.85 15.90 -22.22
N LEU A 247 6.67 16.45 -21.83
CA LEU A 247 5.60 16.74 -22.77
C LEU A 247 5.96 17.96 -23.63
N LYS A 248 6.59 19.00 -23.04
CA LYS A 248 7.01 20.17 -23.79
C LYS A 248 8.06 19.76 -24.85
N ASN A 249 8.98 18.84 -24.48
CA ASN A 249 10.00 18.34 -25.41
C ASN A 249 9.39 17.55 -26.58
N ALA A 250 8.43 16.63 -26.28
CA ALA A 250 7.77 15.77 -27.27
C ALA A 250 6.91 16.61 -28.21
N MET A 251 6.22 17.63 -27.66
CA MET A 251 5.37 18.49 -28.47
C MET A 251 6.18 19.43 -29.36
N ARG A 252 7.25 20.07 -28.83
CA ARG A 252 8.11 20.97 -29.61
C ARG A 252 8.73 20.21 -30.78
N ALA A 253 9.34 19.03 -30.51
CA ALA A 253 9.94 18.17 -31.49
C ALA A 253 8.94 17.79 -32.59
N THR A 254 7.70 17.41 -32.22
CA THR A 254 6.68 17.02 -33.20
C THR A 254 6.32 18.18 -34.11
N MET A 255 6.32 19.41 -33.59
CA MET A 255 5.96 20.58 -34.39
C MET A 255 7.09 21.01 -35.30
N GLU A 256 8.33 20.97 -34.82
CA GLU A 256 9.47 21.39 -35.63
C GLU A 256 9.78 20.42 -36.80
N SER A 257 9.31 19.16 -36.69
CA SER A 257 9.47 18.13 -37.71
C SER A 257 8.28 18.03 -38.66
N HIS A 258 7.21 18.80 -38.43
CA HIS A 258 6.02 18.85 -39.27
C HIS A 258 5.68 20.31 -39.54
N LEU A 259 6.70 21.08 -39.95
CA LEU A 259 6.54 22.51 -40.19
C LEU A 259 5.64 22.81 -41.37
N ASP A 260 5.70 21.96 -42.40
CA ASP A 260 4.90 22.13 -43.62
C ASP A 260 3.43 21.79 -43.40
N THR A 261 3.14 20.90 -42.43
CA THR A 261 1.77 20.52 -42.06
C THR A 261 1.55 20.81 -40.56
N PRO A 262 1.52 22.08 -40.10
CA PRO A 262 1.37 22.33 -38.65
C PRO A 262 0.00 21.91 -38.09
N TYR A 263 -0.99 21.87 -38.95
CA TYR A 263 -2.40 21.50 -38.74
C TYR A 263 -2.59 19.96 -38.64
N ASN A 264 -1.66 19.18 -39.20
CA ASN A 264 -1.72 17.72 -39.24
C ASN A 264 -0.43 17.15 -38.69
N VAL A 265 -0.37 17.01 -37.36
CA VAL A 265 0.81 16.49 -36.67
C VAL A 265 0.48 15.17 -35.99
N PRO A 266 1.43 14.22 -35.96
CA PRO A 266 1.16 12.93 -35.34
C PRO A 266 1.03 13.01 -33.82
N ASP A 267 0.15 12.17 -33.27
CA ASP A 267 -0.11 12.12 -31.84
C ASP A 267 1.12 11.69 -31.04
N VAL A 268 1.18 12.13 -29.78
CA VAL A 268 2.21 11.75 -28.83
C VAL A 268 1.52 10.66 -28.02
N VAL A 269 2.10 9.45 -27.99
CA VAL A 269 1.46 8.35 -27.28
C VAL A 269 2.18 7.99 -26.00
N ILE A 270 1.44 8.13 -24.87
CA ILE A 270 1.90 7.84 -23.52
C ILE A 270 1.35 6.52 -23.03
N THR A 271 2.23 5.65 -22.52
CA THR A 271 1.84 4.34 -22.01
C THR A 271 2.18 4.25 -20.54
N ILE A 272 1.23 3.77 -19.74
CA ILE A 272 1.42 3.60 -18.30
C ILE A 272 1.62 2.12 -18.03
N ALA A 273 2.65 1.76 -17.29
CA ALA A 273 2.90 0.36 -16.94
C ALA A 273 3.09 0.35 -15.43
N ASN A 274 2.21 -0.34 -14.74
CA ASN A 274 2.22 -0.40 -13.28
C ASN A 274 2.43 -1.83 -12.82
N ASN A 275 3.57 -2.08 -12.21
CA ASN A 275 3.90 -3.39 -11.66
C ASN A 275 4.22 -3.22 -10.17
N ASP A 276 4.53 -4.33 -9.47
CA ASP A 276 4.77 -4.25 -8.03
C ASP A 276 6.09 -3.56 -7.65
N VAL A 277 7.04 -3.45 -8.61
CA VAL A 277 8.33 -2.81 -8.37
C VAL A 277 8.36 -1.31 -8.67
N ASP A 278 7.89 -0.92 -9.86
CA ASP A 278 7.94 0.48 -10.27
C ASP A 278 6.77 0.91 -11.18
N LEU A 279 6.69 2.22 -11.43
CA LEU A 279 5.72 2.81 -12.32
C LEU A 279 6.53 3.27 -13.53
N ILE A 280 6.13 2.85 -14.73
CA ILE A 280 6.81 3.23 -15.95
C ILE A 280 5.88 4.08 -16.79
N ILE A 281 6.36 5.26 -17.21
CA ILE A 281 5.60 6.12 -18.10
C ILE A 281 6.44 6.29 -19.35
N ARG A 282 5.94 5.84 -20.50
CA ARG A 282 6.68 5.95 -21.75
C ARG A 282 6.04 7.00 -22.62
N ILE A 283 6.81 8.00 -23.07
CA ILE A 283 6.29 9.05 -23.92
C ILE A 283 6.88 8.91 -25.31
N SER A 284 6.08 8.41 -26.28
CA SER A 284 6.54 8.18 -27.66
C SER A 284 6.04 9.22 -28.65
N ASP A 285 6.97 9.98 -29.24
CA ASP A 285 6.61 11.00 -30.21
C ASP A 285 7.11 10.65 -31.59
N ARG A 286 6.60 11.35 -32.62
CA ARG A 286 7.05 11.18 -33.99
C ARG A 286 7.73 12.48 -34.47
N GLY A 287 8.60 13.00 -33.62
CA GLY A 287 9.28 14.27 -33.85
C GLY A 287 10.67 14.21 -34.45
N GLY A 288 10.93 13.15 -35.22
CA GLY A 288 12.21 12.99 -35.90
C GLY A 288 13.34 12.41 -35.08
N GLY A 289 13.18 12.37 -33.78
CA GLY A 289 14.19 11.82 -32.90
C GLY A 289 15.31 12.78 -32.58
N ILE A 290 16.21 12.36 -31.70
CA ILE A 290 17.39 13.14 -31.32
C ILE A 290 18.55 12.75 -32.24
N ALA A 291 19.11 13.72 -32.98
CA ALA A 291 20.23 13.51 -33.91
C ALA A 291 21.42 12.87 -33.21
N HIS A 292 22.15 12.00 -33.95
CA HIS A 292 23.31 11.28 -33.44
C HIS A 292 24.37 12.17 -32.81
N LYS A 293 24.62 13.34 -33.40
CA LYS A 293 25.61 14.29 -32.89
C LYS A 293 25.21 14.91 -31.55
N ASP A 294 23.90 15.09 -31.34
CA ASP A 294 23.36 15.68 -30.13
C ASP A 294 23.08 14.66 -29.03
N LEU A 295 22.95 13.38 -29.37
CA LEU A 295 22.59 12.29 -28.47
C LEU A 295 23.38 12.24 -27.14
N ASP A 296 24.66 12.64 -27.16
CA ASP A 296 25.47 12.63 -25.93
C ASP A 296 25.42 13.96 -25.16
N ARG A 297 25.00 15.03 -25.81
CA ARG A 297 24.92 16.35 -25.21
C ARG A 297 23.54 16.68 -24.65
N VAL A 298 22.48 15.94 -25.02
CA VAL A 298 21.12 16.25 -24.56
C VAL A 298 20.96 16.20 -23.05
N MET A 299 21.74 15.37 -22.38
CA MET A 299 21.68 15.25 -20.93
C MET A 299 22.57 16.24 -20.17
N ASP A 300 23.20 17.19 -20.90
CA ASP A 300 24.08 18.21 -20.33
C ASP A 300 23.29 19.45 -20.02
N TYR A 301 23.61 20.11 -18.90
CA TYR A 301 22.91 21.35 -18.54
C TYR A 301 23.25 22.44 -19.57
N HIS A 302 22.24 23.25 -19.94
CA HIS A 302 22.30 24.35 -20.89
C HIS A 302 22.22 23.93 -22.36
N PHE A 303 22.49 22.63 -22.70
CA PHE A 303 22.42 22.22 -24.10
C PHE A 303 21.00 22.23 -24.63
N THR A 304 20.80 22.99 -25.70
CA THR A 304 19.52 23.11 -26.38
C THR A 304 19.72 23.31 -27.88
N THR A 305 18.68 23.04 -28.66
CA THR A 305 18.72 23.26 -30.11
C THR A 305 17.66 24.35 -30.49
N ALA A 306 17.49 25.37 -29.63
CA ALA A 306 16.51 26.42 -29.83
C ALA A 306 17.20 27.79 -29.99
N PRO A 332 8.39 29.81 -21.31
CA PRO A 332 9.44 29.83 -22.33
C PRO A 332 9.49 28.56 -23.18
N MET A 333 9.11 27.41 -22.57
CA MET A 333 9.10 26.09 -23.22
C MET A 333 10.57 25.58 -23.50
N HIS A 334 11.20 26.06 -24.58
CA HIS A 334 12.55 25.72 -25.00
C HIS A 334 13.57 26.85 -24.62
N GLY A 335 14.79 26.81 -25.15
CA GLY A 335 15.84 27.79 -24.89
C GLY A 335 16.35 27.80 -23.46
N PHE A 336 16.49 26.62 -22.84
CA PHE A 336 16.93 26.51 -21.44
C PHE A 336 17.99 25.42 -21.25
N GLY A 337 17.71 24.21 -21.73
CA GLY A 337 18.63 23.09 -21.60
C GLY A 337 18.65 22.45 -20.23
N PHE A 338 17.56 22.60 -19.47
CA PHE A 338 17.47 22.07 -18.13
C PHE A 338 16.51 20.90 -17.96
N GLY A 339 15.46 20.86 -18.79
CA GLY A 339 14.43 19.84 -18.72
C GLY A 339 14.90 18.41 -18.59
N LEU A 340 15.77 17.95 -19.50
CA LEU A 340 16.26 16.58 -19.48
C LEU A 340 17.20 16.26 -18.31
N PRO A 341 18.30 17.01 -18.06
CA PRO A 341 19.17 16.67 -16.94
C PRO A 341 18.49 16.75 -15.57
N THR A 342 17.61 17.74 -15.39
CA THR A 342 16.89 17.88 -14.12
C THR A 342 15.95 16.71 -13.92
N SER A 343 15.22 16.32 -14.97
CA SER A 343 14.29 15.19 -14.87
C SER A 343 15.02 13.90 -14.55
N ARG A 344 16.22 13.68 -15.11
CA ARG A 344 16.98 12.46 -14.80
C ARG A 344 17.49 12.46 -13.35
N ALA A 345 18.02 13.62 -12.87
CA ALA A 345 18.50 13.78 -11.49
C ALA A 345 17.38 13.47 -10.51
N TYR A 346 16.17 13.95 -10.83
CA TYR A 346 14.94 13.72 -10.07
C TYR A 346 14.59 12.23 -10.04
N ALA A 347 14.47 11.58 -11.22
CA ALA A 347 14.11 10.17 -11.31
C ALA A 347 15.08 9.27 -10.58
N GLU A 348 16.39 9.50 -10.75
CA GLU A 348 17.41 8.68 -10.11
C GLU A 348 17.47 8.84 -8.59
N TYR A 349 17.25 10.09 -8.10
CA TYR A 349 17.18 10.40 -6.67
C TYR A 349 16.06 9.60 -6.01
N LEU A 350 14.97 9.37 -6.73
CA LEU A 350 13.81 8.66 -6.23
C LEU A 350 13.79 7.16 -6.59
N GLY A 351 14.97 6.59 -6.81
CA GLY A 351 15.14 5.17 -7.11
C GLY A 351 14.68 4.69 -8.47
N GLY A 352 14.57 5.62 -9.41
CA GLY A 352 14.11 5.31 -10.74
C GLY A 352 15.13 5.68 -11.78
N SER A 353 14.66 5.99 -13.00
CA SER A 353 15.53 6.32 -14.11
C SER A 353 14.80 7.13 -15.19
N LEU A 354 15.56 7.79 -16.06
CA LEU A 354 15.01 8.47 -17.23
C LEU A 354 15.89 8.00 -18.38
N GLN A 355 15.33 7.19 -19.28
CA GLN A 355 16.07 6.61 -20.39
C GLN A 355 15.50 7.02 -21.73
N LEU A 356 16.38 7.40 -22.65
CA LEU A 356 15.94 7.87 -23.97
C LEU A 356 16.25 6.85 -25.07
N GLN A 357 15.31 6.65 -26.00
CA GLN A 357 15.51 5.73 -27.11
C GLN A 357 15.17 6.46 -28.39
N SER A 358 16.19 6.95 -29.11
CA SER A 358 15.97 7.71 -30.32
C SER A 358 15.94 6.86 -31.58
N LEU A 359 14.95 7.11 -32.41
CA LEU A 359 14.78 6.47 -33.69
C LEU A 359 14.94 7.63 -34.67
N GLN A 360 16.20 7.99 -34.98
CA GLN A 360 16.53 9.11 -35.86
C GLN A 360 15.79 9.00 -37.18
N GLY A 361 15.05 10.06 -37.52
CA GLY A 361 14.23 10.10 -38.71
C GLY A 361 12.77 9.78 -38.45
N ILE A 362 12.44 9.24 -37.28
CA ILE A 362 11.07 8.88 -36.93
C ILE A 362 10.60 9.58 -35.62
N GLY A 363 11.23 9.28 -34.49
CA GLY A 363 10.83 9.87 -33.22
C GLY A 363 11.66 9.44 -32.05
N THR A 364 11.16 9.65 -30.84
CA THR A 364 11.88 9.30 -29.62
C THR A 364 10.91 8.69 -28.62
N ASP A 365 11.39 7.70 -27.87
CA ASP A 365 10.60 7.10 -26.80
C ASP A 365 11.36 7.44 -25.52
N VAL A 366 10.69 8.11 -24.58
CA VAL A 366 11.31 8.49 -23.33
C VAL A 366 10.69 7.64 -22.24
N TYR A 367 11.53 6.92 -21.47
CA TYR A 367 11.05 6.05 -20.42
C TYR A 367 11.36 6.58 -19.02
N LEU A 368 10.31 7.04 -18.32
CA LEU A 368 10.42 7.50 -16.93
C LEU A 368 10.02 6.36 -16.00
N ARG A 369 10.94 5.94 -15.13
CA ARG A 369 10.66 4.89 -14.15
C ARG A 369 10.79 5.46 -12.74
N LEU A 370 9.84 5.13 -11.86
CA LEU A 370 9.88 5.61 -10.49
C LEU A 370 9.52 4.45 -9.55
N ARG A 371 10.33 4.23 -8.50
CA ARG A 371 10.10 3.13 -7.56
C ARG A 371 8.82 3.38 -6.74
N HIS A 372 8.07 2.32 -6.45
CA HIS A 372 6.82 2.43 -5.71
C HIS A 372 7.02 2.81 -4.25
N ILE A 373 5.99 3.40 -3.63
CA ILE A 373 6.05 3.81 -2.23
C ILE A 373 5.92 2.55 -1.35
N ASP A 374 6.86 2.38 -0.37
CA ASP A 374 6.96 1.24 0.57
C ASP A 374 7.56 -0.04 -0.11
N SER B 22 1.61 -47.87 6.06
CA SER B 22 0.47 -48.75 6.29
C SER B 22 0.14 -48.92 7.79
N PHE B 23 -1.16 -49.18 8.11
CA PHE B 23 -1.73 -49.40 9.45
C PHE B 23 -1.18 -48.46 10.54
N TYR B 24 -1.60 -47.20 10.50
CA TYR B 24 -1.17 -46.19 11.46
C TYR B 24 -2.11 -46.12 12.66
N ASN B 25 -1.66 -46.60 13.84
CA ASN B 25 -2.48 -46.64 15.06
C ASN B 25 -1.73 -46.13 16.30
N GLN B 26 -2.37 -45.25 17.09
CA GLN B 26 -1.75 -44.75 18.33
C GLN B 26 -2.75 -44.54 19.47
N SER B 27 -2.53 -45.25 20.59
CA SER B 27 -3.32 -45.24 21.83
C SER B 27 -3.28 -43.92 22.61
N ALA B 28 -2.24 -43.10 22.40
CA ALA B 28 -2.10 -41.82 23.07
C ALA B 28 -3.18 -40.83 22.60
N ILE B 29 -3.51 -40.87 21.29
CA ILE B 29 -4.53 -40.02 20.68
C ILE B 29 -5.94 -40.43 21.14
N ASP B 30 -6.16 -41.75 21.33
CA ASP B 30 -7.43 -42.31 21.79
C ASP B 30 -7.86 -41.69 23.11
N ALA B 31 -6.89 -41.42 24.00
CA ALA B 31 -7.11 -40.83 25.32
C ALA B 31 -7.69 -39.41 25.26
N ALA B 32 -7.17 -38.57 24.36
CA ALA B 32 -7.60 -37.18 24.23
C ALA B 32 -8.79 -36.96 23.29
N ALA B 33 -9.16 -37.98 22.48
CA ALA B 33 -10.30 -37.87 21.57
C ALA B 33 -11.65 -37.89 22.32
N GLU B 34 -11.66 -38.53 23.51
CA GLU B 34 -12.84 -38.64 24.36
C GLU B 34 -12.96 -37.50 25.37
N LYS B 35 -11.83 -36.93 25.83
CA LYS B 35 -11.89 -35.82 26.79
C LYS B 35 -12.48 -34.55 26.17
N PRO B 36 -13.51 -33.98 26.80
CA PRO B 36 -14.19 -32.82 26.20
C PRO B 36 -13.41 -31.50 26.18
N SER B 37 -13.80 -30.64 25.24
CA SER B 37 -13.20 -29.33 25.00
C SER B 37 -13.60 -28.30 26.07
N VAL B 38 -12.70 -27.34 26.32
CA VAL B 38 -12.90 -26.23 27.25
C VAL B 38 -12.71 -24.92 26.46
N ARG B 39 -13.76 -24.10 26.38
CA ARG B 39 -13.70 -22.85 25.62
C ARG B 39 -13.60 -21.62 26.53
N LEU B 40 -12.54 -20.83 26.37
CA LEU B 40 -12.31 -19.63 27.18
C LEU B 40 -13.24 -18.50 26.78
N THR B 41 -14.25 -18.19 27.61
CA THR B 41 -15.26 -17.15 27.35
C THR B 41 -14.60 -15.76 27.20
N PRO B 42 -15.16 -14.88 26.34
CA PRO B 42 -14.55 -13.57 26.12
C PRO B 42 -14.20 -12.77 27.38
N THR B 43 -15.08 -12.82 28.40
CA THR B 43 -14.86 -12.11 29.68
C THR B 43 -13.72 -12.75 30.48
N MET B 44 -13.59 -14.07 30.40
CA MET B 44 -12.51 -14.82 31.07
C MET B 44 -11.15 -14.54 30.41
N MET B 45 -11.16 -14.30 29.08
CA MET B 45 -9.96 -13.97 28.32
C MET B 45 -9.48 -12.56 28.71
N LEU B 46 -10.43 -11.61 28.84
CA LEU B 46 -10.18 -10.21 29.23
C LEU B 46 -9.66 -10.09 30.68
N TYR B 47 -9.97 -11.08 31.54
CA TYR B 47 -9.53 -11.10 32.92
C TYR B 47 -8.09 -11.64 33.00
N GLY B 54 3.55 -10.58 35.26
CA GLY B 54 3.63 -11.55 34.16
C GLY B 54 3.05 -12.91 34.50
N SER B 55 2.25 -12.99 35.57
CA SER B 55 1.61 -14.24 35.98
C SER B 55 0.40 -14.62 35.12
N HIS B 56 -0.21 -13.63 34.43
CA HIS B 56 -1.33 -13.87 33.54
C HIS B 56 -0.86 -14.61 32.26
N LEU B 57 0.40 -14.36 31.84
CA LEU B 57 1.04 -14.98 30.68
C LEU B 57 1.19 -16.48 30.88
N LEU B 58 1.65 -16.90 32.07
CA LEU B 58 1.85 -18.31 32.36
C LEU B 58 0.53 -19.06 32.55
N LYS B 59 -0.47 -18.41 33.16
CA LYS B 59 -1.80 -18.99 33.39
C LYS B 59 -2.49 -19.35 32.07
N SER B 60 -2.35 -18.47 31.07
CA SER B 60 -2.92 -18.62 29.74
C SER B 60 -2.19 -19.68 28.92
N ALA B 61 -0.86 -19.72 29.03
CA ALA B 61 -0.03 -20.69 28.33
C ALA B 61 -0.25 -22.10 28.86
N ARG B 62 -0.49 -22.24 30.18
CA ARG B 62 -0.78 -23.51 30.81
C ARG B 62 -2.14 -24.05 30.34
N TYR B 63 -3.08 -23.17 29.98
CA TYR B 63 -4.36 -23.57 29.44
C TYR B 63 -4.16 -24.04 27.99
N LEU B 64 -3.48 -23.22 27.16
CA LEU B 64 -3.21 -23.47 25.74
C LEU B 64 -2.48 -24.80 25.51
N GLN B 65 -1.55 -25.13 26.41
CA GLN B 65 -0.77 -26.35 26.37
C GLN B 65 -1.65 -27.60 26.55
N GLN B 66 -2.71 -27.47 27.37
CA GLN B 66 -3.65 -28.53 27.69
C GLN B 66 -4.79 -28.62 26.68
N GLU B 67 -5.23 -27.47 26.17
CA GLU B 67 -6.35 -27.38 25.25
C GLU B 67 -6.00 -27.72 23.80
N LEU B 68 -4.83 -27.29 23.32
CA LEU B 68 -4.43 -27.56 21.94
C LEU B 68 -4.43 -29.05 21.55
N PRO B 69 -3.94 -30.01 22.37
CA PRO B 69 -3.98 -31.42 21.94
C PRO B 69 -5.39 -32.02 21.93
N VAL B 70 -6.30 -31.49 22.76
CA VAL B 70 -7.67 -31.97 22.81
C VAL B 70 -8.42 -31.64 21.52
N ARG B 71 -8.32 -30.38 21.06
CA ARG B 71 -8.98 -29.93 19.84
C ARG B 71 -8.47 -30.70 18.61
N ILE B 72 -7.18 -31.09 18.61
CA ILE B 72 -6.54 -31.86 17.55
C ILE B 72 -7.07 -33.26 17.55
N ALA B 73 -7.20 -33.87 18.72
CA ALA B 73 -7.71 -35.22 18.84
C ALA B 73 -9.17 -35.34 18.40
N HIS B 74 -9.93 -34.25 18.45
CA HIS B 74 -11.31 -34.26 17.96
C HIS B 74 -11.35 -34.33 16.44
N ARG B 75 -10.35 -33.73 15.76
CA ARG B 75 -10.29 -33.81 14.31
C ARG B 75 -9.62 -35.10 13.86
N ILE B 76 -8.65 -35.65 14.64
CA ILE B 76 -8.07 -36.96 14.30
C ILE B 76 -9.17 -38.05 14.37
N LYS B 77 -10.15 -37.87 15.27
CA LYS B 77 -11.31 -38.73 15.41
C LYS B 77 -12.21 -38.60 14.17
N GLY B 78 -12.31 -37.40 13.61
CA GLY B 78 -13.07 -37.12 12.39
C GLY B 78 -12.46 -37.77 11.16
N PHE B 79 -11.12 -37.80 11.09
CA PHE B 79 -10.38 -38.46 10.01
C PHE B 79 -10.56 -39.97 10.10
N ARG B 80 -10.57 -40.51 11.34
CA ARG B 80 -10.79 -41.92 11.61
C ARG B 80 -12.21 -42.37 11.24
N CYS B 81 -13.19 -41.45 11.32
CA CYS B 81 -14.58 -41.72 10.98
C CYS B 81 -14.90 -41.56 9.49
N LEU B 82 -13.96 -41.04 8.68
CA LEU B 82 -14.12 -40.95 7.22
C LEU B 82 -14.22 -42.39 6.67
N PRO B 83 -14.94 -42.63 5.54
CA PRO B 83 -15.00 -43.99 4.99
C PRO B 83 -13.61 -44.44 4.57
N PHE B 84 -13.21 -45.68 4.88
CA PHE B 84 -11.88 -46.22 4.60
C PHE B 84 -11.33 -45.85 3.22
N ILE B 85 -12.15 -45.97 2.16
CA ILE B 85 -11.74 -45.66 0.79
C ILE B 85 -11.34 -44.19 0.64
N ILE B 86 -12.08 -43.27 1.26
CA ILE B 86 -11.76 -41.84 1.22
C ILE B 86 -10.51 -41.55 2.06
N GLY B 87 -10.39 -42.21 3.21
CA GLY B 87 -9.23 -42.06 4.09
C GLY B 87 -7.92 -42.52 3.47
N CYS B 88 -8.00 -43.38 2.45
CA CYS B 88 -6.82 -43.89 1.74
C CYS B 88 -6.31 -42.96 0.63
N ASN B 89 -6.94 -41.79 0.45
CA ASN B 89 -6.50 -40.81 -0.54
C ASN B 89 -5.20 -40.24 0.00
N PRO B 90 -4.09 -40.35 -0.76
CA PRO B 90 -2.78 -39.91 -0.25
C PRO B 90 -2.71 -38.48 0.25
N THR B 91 -3.54 -37.61 -0.33
CA THR B 91 -3.59 -36.20 0.06
C THR B 91 -4.23 -36.09 1.46
N ILE B 92 -5.35 -36.83 1.67
CA ILE B 92 -6.06 -36.85 2.95
C ILE B 92 -5.24 -37.59 4.02
N LEU B 93 -4.54 -38.66 3.62
CA LEU B 93 -3.67 -39.45 4.48
C LEU B 93 -2.51 -38.59 5.00
N HIS B 94 -2.01 -37.67 4.16
CA HIS B 94 -0.95 -36.74 4.50
C HIS B 94 -1.46 -35.73 5.54
N VAL B 95 -2.67 -35.21 5.37
CA VAL B 95 -3.26 -34.26 6.30
C VAL B 95 -3.54 -34.94 7.65
N HIS B 96 -3.97 -36.21 7.62
CA HIS B 96 -4.22 -37.02 8.82
C HIS B 96 -2.89 -37.20 9.57
N GLU B 97 -1.81 -37.50 8.83
CA GLU B 97 -0.46 -37.66 9.38
C GLU B 97 0.02 -36.35 10.00
N LEU B 98 -0.29 -35.21 9.37
CA LEU B 98 0.07 -33.88 9.85
C LEU B 98 -0.59 -33.60 11.20
N TYR B 99 -1.86 -33.99 11.35
CA TYR B 99 -2.61 -33.80 12.59
C TYR B 99 -2.03 -34.69 13.70
N ILE B 100 -1.60 -35.92 13.36
CA ILE B 100 -1.00 -36.84 14.33
C ILE B 100 0.35 -36.32 14.81
N ARG B 101 1.23 -35.91 13.88
CA ARG B 101 2.53 -35.36 14.24
C ARG B 101 2.40 -34.06 15.03
N ALA B 102 1.34 -33.27 14.77
CA ALA B 102 1.09 -32.03 15.50
C ALA B 102 0.72 -32.35 16.96
N PHE B 103 -0.12 -33.38 17.16
CA PHE B 103 -0.52 -33.84 18.49
C PHE B 103 0.70 -34.37 19.25
N GLN B 104 1.58 -35.12 18.56
CA GLN B 104 2.81 -35.64 19.16
C GLN B 104 3.70 -34.50 19.64
N LYS B 105 4.05 -33.55 18.74
CA LYS B 105 4.88 -32.40 19.04
C LYS B 105 4.36 -31.59 20.23
N LEU B 106 3.03 -31.37 20.30
CA LEU B 106 2.43 -30.60 21.38
C LEU B 106 2.44 -31.32 22.74
N THR B 107 2.03 -32.60 22.77
CA THR B 107 1.97 -33.38 24.01
C THR B 107 3.38 -33.69 24.57
N ASP B 108 4.37 -33.91 23.69
CA ASP B 108 5.74 -34.20 24.09
C ASP B 108 6.40 -33.05 24.87
N PHE B 109 5.93 -31.81 24.65
CA PHE B 109 6.44 -30.63 25.33
C PHE B 109 6.17 -30.69 26.83
N PRO B 110 7.22 -30.45 27.65
CA PRO B 110 7.04 -30.52 29.13
C PRO B 110 6.24 -29.35 29.68
N PRO B 111 5.47 -29.55 30.77
CA PRO B 111 4.66 -28.46 31.34
C PRO B 111 5.36 -27.11 31.54
N ILE B 112 4.60 -26.03 31.36
CA ILE B 112 5.10 -24.65 31.49
C ILE B 112 5.20 -24.21 32.94
N LYS B 113 6.41 -23.86 33.39
CA LYS B 113 6.63 -23.43 34.76
C LYS B 113 7.12 -21.99 34.83
N ASP B 114 8.02 -21.60 33.92
CA ASP B 114 8.56 -20.24 33.92
C ASP B 114 8.48 -19.55 32.52
N GLN B 115 8.98 -18.30 32.40
CA GLN B 115 9.00 -17.52 31.17
C GLN B 115 9.84 -18.18 30.05
N ALA B 116 10.76 -19.09 30.40
CA ALA B 116 11.56 -19.84 29.43
C ALA B 116 10.73 -20.96 28.80
N ASP B 117 9.89 -21.63 29.63
CA ASP B 117 8.99 -22.70 29.19
C ASP B 117 7.82 -22.16 28.34
N GLU B 118 7.39 -20.93 28.61
CA GLU B 118 6.32 -20.23 27.89
C GLU B 118 6.84 -19.80 26.50
N ALA B 119 8.08 -19.32 26.43
CA ALA B 119 8.69 -18.86 25.19
C ALA B 119 8.95 -19.98 24.19
N GLN B 120 9.36 -21.16 24.66
CA GLN B 120 9.61 -22.29 23.76
C GLN B 120 8.30 -22.80 23.15
N TYR B 121 7.18 -22.74 23.90
CA TYR B 121 5.89 -23.20 23.41
C TYR B 121 5.40 -22.27 22.32
N CYS B 122 5.57 -20.95 22.49
CA CYS B 122 5.17 -19.92 21.51
C CYS B 122 5.85 -20.11 20.16
N GLN B 123 7.08 -20.60 20.16
CA GLN B 123 7.83 -20.86 18.94
C GLN B 123 7.27 -22.09 18.21
N LEU B 124 6.91 -23.14 18.97
CA LEU B 124 6.34 -24.36 18.43
C LEU B 124 4.96 -24.07 17.83
N VAL B 125 4.15 -23.29 18.55
CA VAL B 125 2.81 -22.90 18.13
C VAL B 125 2.89 -22.08 16.84
N ARG B 126 3.87 -21.16 16.73
CA ARG B 126 4.02 -20.35 15.52
C ARG B 126 4.47 -21.19 14.32
N GLN B 127 5.28 -22.22 14.56
CA GLN B 127 5.75 -23.11 13.51
C GLN B 127 4.61 -24.00 13.06
N LEU B 128 3.86 -24.56 14.02
CA LEU B 128 2.73 -25.43 13.69
C LEU B 128 1.57 -24.65 13.04
N LEU B 129 1.44 -23.36 13.33
CA LEU B 129 0.44 -22.51 12.66
C LEU B 129 0.84 -22.25 11.18
N ASP B 130 2.15 -22.36 10.85
CA ASP B 130 2.66 -22.18 9.50
C ASP B 130 2.67 -23.50 8.72
N ASP B 131 2.94 -24.63 9.41
CA ASP B 131 2.93 -25.96 8.80
C ASP B 131 1.52 -26.36 8.33
N HIS B 132 0.50 -25.91 9.07
CA HIS B 132 -0.91 -26.21 8.81
C HIS B 132 -1.63 -25.15 8.00
N LYS B 133 -0.92 -24.16 7.43
CA LYS B 133 -1.59 -23.08 6.69
C LYS B 133 -2.35 -23.55 5.44
N ASP B 134 -1.91 -24.63 4.80
CA ASP B 134 -2.58 -25.12 3.58
C ASP B 134 -3.42 -26.39 3.76
N VAL B 135 -3.76 -26.74 5.00
CA VAL B 135 -4.50 -27.95 5.32
C VAL B 135 -5.86 -28.04 4.59
N VAL B 136 -6.66 -26.96 4.56
CA VAL B 136 -7.98 -26.97 3.92
C VAL B 136 -7.90 -27.15 2.41
N THR B 137 -6.86 -26.59 1.78
CA THR B 137 -6.68 -26.72 0.34
C THR B 137 -6.27 -28.15 -0.04
N LEU B 138 -5.44 -28.81 0.79
CA LEU B 138 -5.03 -30.19 0.53
C LEU B 138 -6.20 -31.15 0.72
N LEU B 139 -7.03 -30.89 1.73
CA LEU B 139 -8.19 -31.71 1.98
C LEU B 139 -9.23 -31.56 0.88
N ALA B 140 -9.38 -30.36 0.30
CA ALA B 140 -10.35 -30.16 -0.79
C ALA B 140 -9.90 -30.91 -2.04
N GLU B 141 -8.60 -30.84 -2.36
CA GLU B 141 -8.02 -31.54 -3.50
C GLU B 141 -8.16 -33.04 -3.33
N GLY B 142 -7.92 -33.53 -2.12
CA GLY B 142 -8.04 -34.96 -1.81
C GLY B 142 -9.47 -35.45 -1.84
N LEU B 143 -10.41 -34.63 -1.34
CA LEU B 143 -11.82 -35.01 -1.32
C LEU B 143 -12.43 -34.99 -2.70
N ARG B 144 -12.00 -34.04 -3.56
CA ARG B 144 -12.49 -34.00 -4.93
C ARG B 144 -11.93 -35.20 -5.70
N GLU B 145 -10.65 -35.56 -5.48
CA GLU B 145 -10.03 -36.72 -6.12
C GLU B 145 -10.78 -38.03 -5.84
N SER B 146 -11.42 -38.12 -4.68
CA SER B 146 -12.14 -39.33 -4.28
C SER B 146 -13.65 -39.22 -4.40
N ARG B 147 -14.15 -38.26 -5.20
CA ARG B 147 -15.57 -37.99 -5.47
C ARG B 147 -16.35 -39.20 -5.95
N LYS B 148 -15.71 -40.08 -6.74
CA LYS B 148 -16.33 -41.28 -7.27
C LYS B 148 -16.78 -42.27 -6.21
N HIS B 149 -16.10 -42.27 -5.06
CA HIS B 149 -16.40 -43.16 -3.92
C HIS B 149 -17.33 -42.53 -2.88
N ILE B 150 -17.53 -41.20 -2.93
CA ILE B 150 -18.38 -40.51 -1.98
C ILE B 150 -19.86 -40.72 -2.30
N GLU B 151 -20.57 -41.42 -1.38
CA GLU B 151 -21.99 -41.71 -1.51
C GLU B 151 -22.86 -40.68 -0.79
N ASP B 152 -22.46 -40.26 0.41
CA ASP B 152 -23.19 -39.24 1.18
C ASP B 152 -22.86 -37.85 0.60
N GLU B 153 -23.87 -37.12 0.13
CA GLU B 153 -23.64 -35.80 -0.45
C GLU B 153 -23.19 -34.77 0.60
N LYS B 154 -23.73 -34.91 1.83
CA LYS B 154 -23.41 -34.06 2.98
C LYS B 154 -22.01 -34.31 3.55
N LEU B 155 -21.39 -35.46 3.25
CA LEU B 155 -20.08 -35.85 3.76
C LEU B 155 -19.02 -34.78 3.59
N VAL B 156 -18.86 -34.27 2.36
CA VAL B 156 -17.86 -33.25 2.05
C VAL B 156 -18.15 -31.93 2.73
N ARG B 157 -19.41 -31.48 2.69
CA ARG B 157 -19.80 -30.24 3.33
C ARG B 157 -19.57 -30.30 4.84
N TYR B 158 -20.00 -31.38 5.50
CA TYR B 158 -19.84 -31.52 6.94
C TYR B 158 -18.39 -31.68 7.36
N PHE B 159 -17.57 -32.36 6.54
CA PHE B 159 -16.16 -32.54 6.89
C PHE B 159 -15.41 -31.23 6.79
N LEU B 160 -15.68 -30.47 5.73
CA LEU B 160 -15.02 -29.19 5.53
C LEU B 160 -15.50 -28.16 6.54
N ASP B 161 -16.79 -28.17 6.86
CA ASP B 161 -17.37 -27.26 7.85
C ASP B 161 -16.70 -27.48 9.21
N LYS B 162 -16.59 -28.75 9.63
CA LYS B 162 -16.00 -29.11 10.92
C LYS B 162 -14.51 -28.86 10.97
N THR B 163 -13.81 -29.05 9.84
CA THR B 163 -12.37 -28.79 9.79
C THR B 163 -12.10 -27.28 9.87
N LEU B 164 -12.85 -26.49 9.11
CA LEU B 164 -12.72 -25.04 9.07
C LEU B 164 -13.07 -24.38 10.40
N THR B 165 -14.13 -24.85 11.09
CA THR B 165 -14.50 -24.27 12.38
C THR B 165 -13.55 -24.69 13.51
N SER B 166 -12.99 -25.91 13.43
CA SER B 166 -12.03 -26.42 14.41
C SER B 166 -10.75 -25.57 14.35
N ARG B 167 -10.29 -25.29 13.13
CA ARG B 167 -9.10 -24.48 12.90
C ARG B 167 -9.33 -23.02 13.24
N LEU B 168 -10.57 -22.51 13.11
CA LEU B 168 -10.88 -21.14 13.54
C LEU B 168 -10.77 -21.08 15.08
N GLY B 169 -11.33 -22.07 15.76
CA GLY B 169 -11.27 -22.17 17.21
C GLY B 169 -9.85 -22.24 17.72
N ILE B 170 -9.01 -23.10 17.09
CA ILE B 170 -7.59 -23.28 17.41
C ILE B 170 -6.83 -21.99 17.14
N ARG B 171 -7.05 -21.40 15.96
CA ARG B 171 -6.42 -20.14 15.55
C ARG B 171 -6.76 -19.01 16.51
N MET B 172 -7.99 -18.99 17.03
CA MET B 172 -8.40 -17.96 17.96
C MET B 172 -7.65 -18.08 19.28
N LEU B 173 -7.55 -19.30 19.83
CA LEU B 173 -6.83 -19.53 21.08
C LEU B 173 -5.33 -19.26 20.94
N ALA B 174 -4.70 -19.82 19.89
CA ALA B 174 -3.28 -19.66 19.64
C ALA B 174 -2.90 -18.20 19.36
N THR B 175 -3.64 -17.52 18.47
CA THR B 175 -3.36 -16.12 18.16
C THR B 175 -3.61 -15.23 19.37
N HIS B 176 -4.60 -15.55 20.21
CA HIS B 176 -4.88 -14.76 21.41
C HIS B 176 -3.71 -14.76 22.37
N HIS B 177 -3.15 -15.95 22.65
CA HIS B 177 -2.02 -16.10 23.56
C HIS B 177 -0.74 -15.46 23.02
N LEU B 178 -0.50 -15.60 21.72
CA LEU B 178 0.65 -15.00 21.07
C LEU B 178 0.54 -13.47 21.05
N ALA B 179 -0.69 -12.94 20.93
CA ALA B 179 -0.97 -11.50 20.93
C ALA B 179 -0.95 -10.89 22.33
N LEU B 180 -0.96 -11.70 23.40
CA LEU B 180 -0.86 -11.22 24.77
C LEU B 180 0.53 -10.61 25.07
N HIS B 181 1.54 -10.95 24.25
CA HIS B 181 2.90 -10.42 24.33
C HIS B 181 3.04 -9.05 23.64
N GLU B 182 2.11 -8.73 22.71
CA GLU B 182 2.04 -7.46 21.99
C GLU B 182 1.33 -6.43 22.89
N ASP B 183 1.58 -5.15 22.63
CA ASP B 183 0.94 -4.07 23.37
C ASP B 183 0.11 -3.25 22.36
N LYS B 184 -0.71 -3.96 21.55
CA LYS B 184 -1.55 -3.34 20.54
C LYS B 184 -2.60 -2.45 21.19
N PRO B 185 -2.72 -1.20 20.75
CA PRO B 185 -3.73 -0.30 21.33
C PRO B 185 -5.17 -0.73 21.07
N ASP B 186 -6.03 -0.59 22.08
CA ASP B 186 -7.44 -0.98 22.10
C ASP B 186 -7.65 -2.49 21.98
N PHE B 187 -6.65 -3.30 22.32
CA PHE B 187 -6.75 -4.74 22.20
C PHE B 187 -6.22 -5.47 23.42
N VAL B 188 -6.84 -6.59 23.73
CA VAL B 188 -6.43 -7.50 24.80
C VAL B 188 -6.30 -8.82 24.06
N GLY B 189 -5.11 -9.07 23.50
CA GLY B 189 -4.90 -10.24 22.67
C GLY B 189 -5.63 -10.05 21.35
N ILE B 190 -6.62 -10.90 21.06
CA ILE B 190 -7.40 -10.76 19.83
C ILE B 190 -8.75 -10.04 20.03
N ILE B 191 -9.07 -9.61 21.26
CA ILE B 191 -10.31 -8.89 21.53
C ILE B 191 -10.08 -7.39 21.41
N CYS B 192 -10.80 -6.72 20.52
CA CYS B 192 -10.73 -5.26 20.40
C CYS B 192 -11.73 -4.71 21.39
N THR B 193 -11.30 -3.86 22.32
CA THR B 193 -12.16 -3.28 23.35
C THR B 193 -13.06 -2.14 22.84
N ARG B 194 -12.71 -1.52 21.71
CA ARG B 194 -13.40 -0.35 21.17
C ARG B 194 -13.69 -0.52 19.65
N LEU B 195 -14.18 -1.69 19.22
CA LEU B 195 -14.42 -1.91 17.79
C LEU B 195 -15.62 -1.15 17.21
N SER B 196 -15.36 -0.36 16.15
CA SER B 196 -16.41 0.35 15.43
C SER B 196 -16.62 -0.39 14.10
N PRO B 197 -17.83 -0.93 13.89
CA PRO B 197 -18.11 -1.65 12.64
C PRO B 197 -17.88 -0.80 11.40
N LYS B 198 -18.16 0.51 11.46
CA LYS B 198 -17.96 1.39 10.31
C LYS B 198 -16.49 1.42 9.89
N LYS B 199 -15.56 1.51 10.86
CA LYS B 199 -14.14 1.53 10.53
C LYS B 199 -13.65 0.17 10.07
N ILE B 200 -14.11 -0.92 10.68
CA ILE B 200 -13.68 -2.25 10.26
C ILE B 200 -14.29 -2.66 8.90
N ILE B 201 -15.43 -2.07 8.51
CA ILE B 201 -16.03 -2.34 7.21
C ILE B 201 -15.22 -1.59 6.16
N GLU B 202 -14.96 -0.28 6.41
CA GLU B 202 -14.20 0.62 5.54
C GLU B 202 -12.81 0.10 5.27
N LYS B 203 -12.20 -0.56 6.27
CA LYS B 203 -10.88 -1.19 6.20
C LYS B 203 -10.86 -2.21 5.04
N TRP B 204 -11.94 -2.99 4.91
CA TRP B 204 -12.09 -4.01 3.89
C TRP B 204 -12.75 -3.56 2.59
N VAL B 205 -13.37 -2.38 2.58
CA VAL B 205 -13.97 -1.83 1.38
C VAL B 205 -12.87 -1.33 0.43
N ASP B 206 -11.90 -0.57 0.97
CA ASP B 206 -10.78 -0.06 0.20
C ASP B 206 -9.90 -1.19 -0.32
N PHE B 207 -9.74 -2.25 0.47
CA PHE B 207 -8.99 -3.44 0.08
C PHE B 207 -9.69 -4.11 -1.11
N ALA B 208 -11.02 -4.31 -1.01
CA ALA B 208 -11.87 -4.94 -2.02
C ALA B 208 -11.98 -4.12 -3.29
N ARG B 209 -12.04 -2.79 -3.16
CA ARG B 209 -12.12 -1.86 -4.29
C ARG B 209 -10.87 -2.01 -5.16
N ARG B 210 -9.69 -2.19 -4.54
CA ARG B 210 -8.42 -2.38 -5.25
C ARG B 210 -8.39 -3.70 -6.02
N LEU B 211 -9.00 -4.76 -5.47
CA LEU B 211 -9.05 -6.06 -6.14
C LEU B 211 -10.00 -6.00 -7.34
N CYS B 212 -11.14 -5.30 -7.16
CA CYS B 212 -12.17 -5.13 -8.18
C CYS B 212 -11.66 -4.28 -9.34
N GLU B 213 -10.92 -3.21 -9.01
CA GLU B 213 -10.33 -2.30 -9.99
C GLU B 213 -9.26 -3.00 -10.81
N HIS B 214 -8.49 -3.92 -10.20
CA HIS B 214 -7.43 -4.66 -10.87
C HIS B 214 -7.99 -5.58 -11.95
N LYS B 215 -9.14 -6.21 -11.69
CA LYS B 215 -9.73 -7.14 -12.62
C LYS B 215 -10.61 -6.46 -13.67
N TYR B 216 -11.47 -5.53 -13.23
CA TYR B 216 -12.47 -4.90 -14.10
C TYR B 216 -12.18 -3.49 -14.60
N GLY B 217 -11.12 -2.87 -14.12
CA GLY B 217 -10.80 -1.50 -14.51
C GLY B 217 -11.50 -0.44 -13.68
N ASN B 218 -12.49 -0.85 -12.88
CA ASN B 218 -13.25 0.05 -12.02
C ASN B 218 -13.89 -0.78 -10.89
N ALA B 219 -14.33 -0.09 -9.83
CA ALA B 219 -14.98 -0.70 -8.67
C ALA B 219 -16.17 0.15 -8.23
N PRO B 220 -17.31 -0.46 -7.86
CA PRO B 220 -18.43 0.37 -7.40
C PRO B 220 -18.08 1.10 -6.10
N ARG B 221 -18.57 2.34 -5.96
CA ARG B 221 -18.32 3.10 -4.74
C ARG B 221 -19.16 2.44 -3.61
N VAL B 222 -18.64 2.37 -2.37
CA VAL B 222 -19.39 1.73 -1.29
C VAL B 222 -19.96 2.76 -0.31
N ARG B 223 -21.25 2.65 -0.02
CA ARG B 223 -21.94 3.57 0.87
C ARG B 223 -22.26 2.85 2.18
N ILE B 224 -21.88 3.42 3.33
CA ILE B 224 -22.15 2.78 4.63
C ILE B 224 -23.11 3.62 5.46
N ASN B 225 -24.23 3.03 5.87
CA ASN B 225 -25.23 3.70 6.68
C ASN B 225 -25.64 2.86 7.92
N GLY B 226 -26.62 3.33 8.69
CA GLY B 226 -27.05 2.63 9.89
C GLY B 226 -26.30 3.14 11.12
N HIS B 227 -25.99 2.23 12.05
CA HIS B 227 -25.28 2.60 13.27
C HIS B 227 -23.78 2.76 13.02
N VAL B 228 -23.43 3.78 12.24
CA VAL B 228 -22.08 4.10 11.84
C VAL B 228 -21.16 4.46 13.03
N ALA B 229 -21.73 5.01 14.10
CA ALA B 229 -20.95 5.39 15.27
C ALA B 229 -20.94 4.35 16.40
N ALA B 230 -21.45 3.13 16.14
CA ALA B 230 -21.48 2.09 17.15
C ALA B 230 -20.06 1.67 17.52
N ARG B 231 -19.82 1.46 18.81
CA ARG B 231 -18.52 1.00 19.31
C ARG B 231 -18.73 0.02 20.43
N PHE B 232 -18.05 -1.13 20.36
CA PHE B 232 -18.21 -2.20 21.33
C PHE B 232 -17.04 -3.19 21.30
N PRO B 233 -16.81 -3.93 22.40
CA PRO B 233 -15.78 -4.97 22.38
C PRO B 233 -16.19 -6.09 21.42
N PHE B 234 -15.23 -6.62 20.66
CA PHE B 234 -15.50 -7.67 19.67
C PHE B 234 -14.21 -8.34 19.18
N ILE B 235 -14.32 -9.57 18.65
CA ILE B 235 -13.17 -10.26 18.06
C ILE B 235 -13.24 -10.08 16.54
N PRO B 236 -12.34 -9.26 15.98
CA PRO B 236 -12.39 -8.96 14.54
C PRO B 236 -11.92 -10.08 13.62
N MET B 237 -11.11 -11.04 14.12
CA MET B 237 -10.56 -12.16 13.33
C MET B 237 -11.57 -12.78 12.32
N PRO B 238 -12.78 -13.25 12.73
CA PRO B 238 -13.72 -13.82 11.75
C PRO B 238 -14.20 -12.80 10.69
N LEU B 239 -14.40 -11.53 11.09
CA LEU B 239 -14.79 -10.45 10.18
C LEU B 239 -13.70 -10.18 9.14
N ASP B 240 -12.43 -10.39 9.50
CA ASP B 240 -11.29 -10.25 8.59
C ASP B 240 -11.32 -11.26 7.44
N TYR B 241 -12.11 -12.34 7.55
CA TYR B 241 -12.26 -13.30 6.47
C TYR B 241 -13.57 -13.03 5.74
N ILE B 242 -14.68 -12.98 6.49
CA ILE B 242 -16.01 -12.83 5.93
C ILE B 242 -16.19 -11.56 5.09
N LEU B 243 -15.90 -10.36 5.65
CA LEU B 243 -16.03 -9.07 4.96
C LEU B 243 -15.30 -9.01 3.60
N PRO B 244 -13.98 -9.33 3.47
CA PRO B 244 -13.37 -9.30 2.13
C PRO B 244 -14.00 -10.28 1.13
N GLU B 245 -14.50 -11.44 1.61
CA GLU B 245 -15.14 -12.43 0.74
C GLU B 245 -16.51 -11.99 0.26
N LEU B 246 -17.30 -11.38 1.15
CA LEU B 246 -18.62 -10.85 0.80
C LEU B 246 -18.53 -9.60 -0.07
N LEU B 247 -17.46 -8.81 0.09
CA LEU B 247 -17.25 -7.63 -0.74
C LEU B 247 -16.67 -8.03 -2.11
N LYS B 248 -15.89 -9.12 -2.19
CA LYS B 248 -15.39 -9.63 -3.47
C LYS B 248 -16.57 -10.21 -4.27
N ASN B 249 -17.42 -11.03 -3.61
CA ASN B 249 -18.59 -11.67 -4.20
C ASN B 249 -19.63 -10.65 -4.67
N ALA B 250 -19.72 -9.49 -4.00
CA ALA B 250 -20.67 -8.46 -4.38
C ALA B 250 -20.09 -7.47 -5.38
N MET B 251 -18.76 -7.24 -5.35
CA MET B 251 -18.14 -6.33 -6.31
C MET B 251 -18.02 -7.00 -7.66
N ARG B 252 -17.68 -8.30 -7.69
CA ARG B 252 -17.58 -9.05 -8.93
C ARG B 252 -18.92 -9.07 -9.65
N ALA B 253 -20.02 -9.27 -8.88
CA ALA B 253 -21.39 -9.31 -9.39
C ALA B 253 -21.83 -7.97 -9.95
N THR B 254 -21.47 -6.86 -9.28
CA THR B 254 -21.82 -5.49 -9.76
C THR B 254 -21.08 -5.11 -11.05
N MET B 255 -19.99 -5.82 -11.39
CA MET B 255 -19.23 -5.53 -12.60
C MET B 255 -19.61 -6.46 -13.74
N GLU B 256 -19.83 -7.75 -13.47
CA GLU B 256 -20.17 -8.69 -14.53
C GLU B 256 -21.58 -8.44 -15.13
N SER B 257 -22.46 -7.71 -14.42
CA SER B 257 -23.77 -7.36 -14.97
C SER B 257 -23.78 -5.99 -15.67
N HIS B 258 -22.76 -5.15 -15.41
CA HIS B 258 -22.61 -3.82 -16.00
C HIS B 258 -21.37 -3.81 -16.90
N LEU B 259 -21.25 -4.84 -17.75
CA LEU B 259 -20.10 -4.98 -18.64
C LEU B 259 -20.07 -3.90 -19.72
N ASP B 260 -21.23 -3.49 -20.21
CA ASP B 260 -21.34 -2.48 -21.24
C ASP B 260 -21.03 -1.08 -20.72
N THR B 261 -21.27 -0.84 -19.42
CA THR B 261 -20.96 0.44 -18.76
C THR B 261 -20.02 0.20 -17.56
N PRO B 262 -18.75 -0.21 -17.77
CA PRO B 262 -17.87 -0.47 -16.61
C PRO B 262 -17.54 0.76 -15.77
N TYR B 263 -17.61 1.92 -16.40
CA TYR B 263 -17.38 3.27 -15.89
C TYR B 263 -18.56 3.80 -15.05
N ASN B 264 -19.76 3.25 -15.26
CA ASN B 264 -20.98 3.68 -14.58
C ASN B 264 -21.64 2.47 -13.95
N VAL B 265 -21.23 2.13 -12.73
CA VAL B 265 -21.77 0.99 -11.99
C VAL B 265 -22.50 1.46 -10.70
N PRO B 266 -23.58 0.77 -10.31
CA PRO B 266 -24.32 1.18 -9.11
C PRO B 266 -23.57 0.91 -7.81
N ASP B 267 -23.77 1.75 -6.79
CA ASP B 267 -23.11 1.59 -5.49
C ASP B 267 -23.51 0.31 -4.74
N VAL B 268 -22.60 -0.18 -3.88
CA VAL B 268 -22.84 -1.32 -3.00
C VAL B 268 -23.17 -0.67 -1.67
N VAL B 269 -24.36 -0.93 -1.11
CA VAL B 269 -24.75 -0.29 0.13
C VAL B 269 -24.75 -1.24 1.33
N ILE B 270 -23.90 -0.91 2.32
CA ILE B 270 -23.71 -1.65 3.56
C ILE B 270 -24.41 -0.96 4.71
N THR B 271 -25.21 -1.71 5.47
CA THR B 271 -25.94 -1.17 6.61
C THR B 271 -25.49 -1.88 7.88
N ILE B 272 -25.23 -1.12 8.94
CA ILE B 272 -24.83 -1.66 10.23
C ILE B 272 -26.02 -1.55 11.18
N ALA B 273 -26.35 -2.64 11.87
CA ALA B 273 -27.43 -2.62 12.86
C ALA B 273 -26.83 -3.22 14.13
N ASN B 274 -26.78 -2.44 15.19
CA ASN B 274 -26.21 -2.86 16.45
C ASN B 274 -27.26 -2.83 17.55
N ASN B 275 -27.59 -3.99 18.06
CA ASN B 275 -28.54 -4.13 19.15
C ASN B 275 -27.85 -4.90 20.31
N ASP B 276 -28.54 -5.10 21.43
CA ASP B 276 -27.95 -5.77 22.58
C ASP B 276 -27.69 -7.28 22.37
N VAL B 277 -28.35 -7.90 21.39
CA VAL B 277 -28.19 -9.33 21.10
C VAL B 277 -27.10 -9.63 20.07
N ASP B 278 -27.14 -8.95 18.91
CA ASP B 278 -26.19 -9.22 17.84
C ASP B 278 -25.81 -8.00 17.00
N LEU B 279 -24.81 -8.17 16.13
CA LEU B 279 -24.36 -7.16 15.20
C LEU B 279 -24.80 -7.67 13.83
N ILE B 280 -25.54 -6.86 13.07
CA ILE B 280 -25.99 -7.23 11.73
C ILE B 280 -25.31 -6.34 10.70
N ILE B 281 -24.70 -6.95 9.69
CA ILE B 281 -24.10 -6.21 8.60
C ILE B 281 -24.79 -6.68 7.33
N ARG B 282 -25.48 -5.77 6.62
CA ARG B 282 -26.18 -6.13 5.39
C ARG B 282 -25.44 -5.55 4.20
N ILE B 283 -25.06 -6.38 3.23
CA ILE B 283 -24.36 -5.90 2.05
C ILE B 283 -25.27 -6.04 0.83
N SER B 284 -25.81 -4.91 0.35
CA SER B 284 -26.74 -4.90 -0.79
C SER B 284 -26.11 -4.42 -2.10
N ASP B 285 -26.03 -5.30 -3.09
CA ASP B 285 -25.47 -4.95 -4.37
C ASP B 285 -26.51 -4.94 -5.48
N ARG B 286 -26.16 -4.37 -6.64
CA ARG B 286 -27.03 -4.37 -7.81
C ARG B 286 -26.37 -5.19 -8.93
N GLY B 287 -25.88 -6.38 -8.57
CA GLY B 287 -25.17 -7.27 -9.49
C GLY B 287 -25.96 -8.37 -10.16
N GLY B 288 -27.24 -8.13 -10.36
CA GLY B 288 -28.10 -9.08 -11.05
C GLY B 288 -28.66 -10.21 -10.21
N GLY B 289 -28.09 -10.42 -9.03
CA GLY B 289 -28.55 -11.47 -8.13
C GLY B 289 -28.06 -12.85 -8.49
N ILE B 290 -28.36 -13.82 -7.63
CA ILE B 290 -27.99 -15.21 -7.84
C ILE B 290 -29.12 -15.93 -8.59
N ALA B 291 -28.82 -16.50 -9.77
CA ALA B 291 -29.79 -17.21 -10.61
C ALA B 291 -30.48 -18.33 -9.86
N HIS B 292 -31.77 -18.56 -10.17
CA HIS B 292 -32.60 -19.58 -9.53
C HIS B 292 -32.00 -20.97 -9.53
N LYS B 293 -31.36 -21.35 -10.64
CA LYS B 293 -30.74 -22.67 -10.77
C LYS B 293 -29.52 -22.84 -9.86
N ASP B 294 -28.79 -21.75 -9.61
CA ASP B 294 -27.60 -21.74 -8.79
C ASP B 294 -27.89 -21.51 -7.29
N LEU B 295 -29.05 -20.94 -6.95
CA LEU B 295 -29.44 -20.57 -5.60
C LEU B 295 -29.25 -21.66 -4.53
N ASP B 296 -29.39 -22.93 -4.89
CA ASP B 296 -29.19 -24.02 -3.91
C ASP B 296 -27.75 -24.55 -3.89
N ARG B 297 -26.97 -24.26 -4.93
CA ARG B 297 -25.60 -24.73 -5.03
C ARG B 297 -24.57 -23.70 -4.53
N VAL B 298 -24.95 -22.43 -4.37
CA VAL B 298 -24.01 -21.39 -3.95
C VAL B 298 -23.36 -21.66 -2.59
N MET B 299 -24.07 -22.34 -1.71
CA MET B 299 -23.55 -22.67 -0.39
C MET B 299 -22.77 -24.01 -0.34
N ASP B 300 -22.54 -24.62 -1.51
CA ASP B 300 -21.79 -25.86 -1.64
C ASP B 300 -20.32 -25.49 -1.89
N TYR B 301 -19.39 -26.27 -1.32
CA TYR B 301 -17.97 -26.01 -1.51
C TYR B 301 -17.57 -26.30 -2.96
N HIS B 302 -16.69 -25.46 -3.53
CA HIS B 302 -16.15 -25.53 -4.89
C HIS B 302 -17.09 -24.96 -5.97
N PHE B 303 -18.40 -24.78 -5.68
CA PHE B 303 -19.31 -24.23 -6.69
C PHE B 303 -19.04 -22.77 -6.94
N THR B 304 -18.76 -22.44 -8.20
CA THR B 304 -18.53 -21.08 -8.66
C THR B 304 -19.03 -20.90 -10.08
N THR B 305 -19.27 -19.65 -10.48
CA THR B 305 -19.68 -19.32 -11.84
C THR B 305 -18.60 -18.42 -12.49
N ALA B 306 -17.32 -18.70 -12.23
CA ALA B 306 -16.21 -17.91 -12.74
C ALA B 306 -15.30 -18.71 -13.67
N PHE B 336 -13.03 -20.03 -6.78
CA PHE B 336 -12.74 -20.79 -5.57
C PHE B 336 -13.96 -21.64 -5.15
N GLY B 337 -15.11 -20.98 -5.01
CA GLY B 337 -16.35 -21.60 -4.56
C GLY B 337 -16.43 -21.80 -3.06
N PHE B 338 -15.58 -21.09 -2.30
CA PHE B 338 -15.49 -21.17 -0.83
C PHE B 338 -15.99 -19.92 -0.09
N GLY B 339 -16.29 -18.85 -0.81
CA GLY B 339 -16.72 -17.60 -0.19
C GLY B 339 -17.91 -17.73 0.73
N LEU B 340 -19.03 -18.22 0.19
CA LEU B 340 -20.25 -18.40 0.95
C LEU B 340 -20.22 -19.61 1.93
N PRO B 341 -19.76 -20.83 1.55
CA PRO B 341 -19.71 -21.93 2.53
C PRO B 341 -18.82 -21.71 3.75
N THR B 342 -17.62 -21.12 3.60
CA THR B 342 -16.71 -20.86 4.71
C THR B 342 -17.26 -19.74 5.57
N SER B 343 -17.76 -18.67 4.95
CA SER B 343 -18.31 -17.55 5.70
C SER B 343 -19.50 -17.98 6.55
N ARG B 344 -20.38 -18.88 6.05
CA ARG B 344 -21.51 -19.33 6.84
C ARG B 344 -21.07 -20.22 8.01
N ALA B 345 -20.10 -21.14 7.77
CA ALA B 345 -19.56 -22.02 8.82
C ALA B 345 -18.98 -21.17 9.96
N TYR B 346 -18.27 -20.09 9.59
CA TYR B 346 -17.69 -19.10 10.49
C TYR B 346 -18.79 -18.40 11.30
N ALA B 347 -19.78 -17.79 10.64
CA ALA B 347 -20.85 -17.07 11.31
C ALA B 347 -21.63 -17.93 12.28
N GLU B 348 -21.99 -19.16 11.87
CA GLU B 348 -22.77 -20.07 12.71
C GLU B 348 -21.98 -20.59 13.91
N TYR B 349 -20.67 -20.83 13.72
CA TYR B 349 -19.77 -21.25 14.81
C TYR B 349 -19.72 -20.20 15.92
N LEU B 350 -19.84 -18.93 15.54
CA LEU B 350 -19.80 -17.81 16.47
C LEU B 350 -21.18 -17.31 16.90
N GLY B 351 -22.18 -18.20 16.87
CA GLY B 351 -23.55 -17.92 17.28
C GLY B 351 -24.36 -16.97 16.42
N GLY B 352 -23.96 -16.85 15.17
CA GLY B 352 -24.64 -15.97 14.24
C GLY B 352 -25.15 -16.71 13.03
N SER B 353 -25.25 -16.02 11.90
CA SER B 353 -25.77 -16.59 10.66
C SER B 353 -25.30 -15.82 9.42
N LEU B 354 -25.40 -16.44 8.25
CA LEU B 354 -25.14 -15.79 6.98
C LEU B 354 -26.32 -16.15 6.11
N GLN B 355 -27.17 -15.17 5.81
CA GLN B 355 -28.38 -15.40 5.03
C GLN B 355 -28.39 -14.60 3.73
N LEU B 356 -28.77 -15.24 2.62
CA LEU B 356 -28.78 -14.59 1.31
C LEU B 356 -30.19 -14.30 0.82
N GLN B 357 -30.41 -13.14 0.21
CA GLN B 357 -31.70 -12.76 -0.33
C GLN B 357 -31.50 -12.27 -1.75
N SER B 358 -31.77 -13.13 -2.74
CA SER B 358 -31.57 -12.77 -4.13
C SER B 358 -32.78 -12.18 -4.81
N LEU B 359 -32.56 -11.08 -5.52
CA LEU B 359 -33.55 -10.39 -6.32
C LEU B 359 -33.06 -10.57 -7.74
N GLN B 360 -33.34 -11.74 -8.34
CA GLN B 360 -32.89 -12.08 -9.70
C GLN B 360 -33.26 -11.01 -10.69
N GLY B 361 -32.27 -10.51 -11.41
CA GLY B 361 -32.41 -9.43 -12.37
C GLY B 361 -32.05 -8.07 -11.81
N ILE B 362 -31.90 -7.96 -10.47
CA ILE B 362 -31.56 -6.70 -9.82
C ILE B 362 -30.29 -6.81 -8.97
N GLY B 363 -30.29 -7.62 -7.90
CA GLY B 363 -29.12 -7.76 -7.04
C GLY B 363 -29.30 -8.75 -5.91
N THR B 364 -28.42 -8.68 -4.90
CA THR B 364 -28.48 -9.59 -3.77
C THR B 364 -28.23 -8.83 -2.47
N ASP B 365 -28.92 -9.23 -1.40
CA ASP B 365 -28.69 -8.65 -0.08
C ASP B 365 -28.14 -9.79 0.78
N VAL B 366 -26.97 -9.60 1.35
CA VAL B 366 -26.34 -10.62 2.17
C VAL B 366 -26.37 -10.15 3.62
N TYR B 367 -26.93 -10.96 4.51
CA TYR B 367 -27.06 -10.60 5.91
C TYR B 367 -26.15 -11.41 6.83
N LEU B 368 -25.10 -10.76 7.36
CA LEU B 368 -24.16 -11.36 8.29
C LEU B 368 -24.56 -10.97 9.71
N ARG B 369 -24.86 -11.96 10.56
CA ARG B 369 -25.20 -11.72 11.95
C ARG B 369 -24.18 -12.38 12.84
N LEU B 370 -23.72 -11.68 13.89
CA LEU B 370 -22.74 -12.22 14.82
C LEU B 370 -23.14 -11.88 16.25
N ARG B 371 -23.13 -12.90 17.15
CA ARG B 371 -23.49 -12.77 18.57
C ARG B 371 -22.53 -11.78 19.25
N HIS B 372 -23.03 -10.93 20.16
CA HIS B 372 -22.17 -9.99 20.87
C HIS B 372 -21.28 -10.66 21.92
N ILE B 373 -20.15 -10.01 22.26
CA ILE B 373 -19.21 -10.53 23.24
C ILE B 373 -19.82 -10.42 24.64
N ASP B 374 -19.75 -11.52 25.43
CA ASP B 374 -20.27 -11.65 26.79
C ASP B 374 -21.80 -11.68 26.79
PB ADP C . 15.02 22.36 -23.88
O1B ADP C . 14.37 23.35 -22.93
O2B ADP C . 16.06 23.00 -24.78
O3B ADP C . 14.02 21.56 -24.68
PA ADP C . 15.84 19.77 -22.61
O1A ADP C . 14.44 19.35 -22.34
O2A ADP C . 16.89 19.45 -21.61
O3A ADP C . 15.83 21.35 -22.90
O5' ADP C . 16.29 19.15 -24.01
C5' ADP C . 17.58 19.42 -24.58
C4' ADP C . 17.48 19.17 -26.07
O4' ADP C . 17.15 17.79 -26.30
C3' ADP C . 16.36 19.93 -26.75
O3' ADP C . 16.76 21.26 -27.04
C2' ADP C . 16.10 19.09 -27.99
O2' ADP C . 17.07 19.40 -29.00
C1' ADP C . 16.39 17.67 -27.49
N9 ADP C . 15.20 16.86 -27.21
C8 ADP C . 14.62 16.61 -25.99
N7 ADP C . 13.57 15.82 -26.06
C5 ADP C . 13.44 15.55 -27.41
C6 ADP C . 12.52 14.77 -28.14
N6 ADP C . 11.46 14.15 -27.60
N1 ADP C . 12.68 14.70 -29.47
C2 ADP C . 13.69 15.37 -30.04
N3 ADP C . 14.62 16.13 -29.46
C4 ADP C . 14.44 16.18 -28.13
MG MG D . 12.96 20.64 -22.42
C4 XGG E . 13.94 25.23 3.37
C6 XGG E . 14.79 26.31 1.18
C9 XGG E . 14.13 23.93 -1.51
C20 XGG E . 10.82 22.97 -8.35
C21 XGG E . 10.87 22.22 -9.51
C8 XGG E . 14.25 25.15 -0.86
C19 XGG E . 11.99 23.51 -7.82
C1 XGG E . 17.44 26.83 2.85
C2 XGG E . 16.48 25.67 3.00
C3 XGG E . 15.01 25.98 2.65
C5 XGG E . 14.17 26.69 3.67
O7 XGG E . 14.70 25.09 0.43
C10 XGG E . 13.50 23.93 -2.74
C11 XGG E . 13.05 25.12 -3.29
C12 XGG E . 13.27 26.28 -2.56
N13 XGG E . 13.86 26.31 -1.36
C14 XGG E . 12.33 25.14 -4.57
C15 XGG E . 11.52 26.14 -5.02
S16 XGG E . 11.00 25.85 -6.63
C17 XGG E . 11.91 24.38 -6.63
N18 XGG E . 12.55 24.14 -5.51
C22 XGG E . 12.08 22.00 -10.14
C23 XGG E . 13.25 22.53 -9.62
C24 XGG E . 13.21 23.30 -8.46
C25 XGG E . 14.47 23.94 -8.00
O26 XGG E . 14.74 25.12 -8.26
O27 XGG E . 15.23 23.17 -7.25
H34 XGG E . 13.03 24.91 2.86
H33 XGG E . 14.19 24.47 4.11
H37 XGG E . 15.57 26.96 0.77
H38 XGG E . 13.86 26.87 1.09
H39 XGG E . 14.51 23.01 -1.07
H43 XGG E . 9.87 23.12 -7.84
H44 XGG E . 9.96 21.81 -9.93
H28 XGG E . 18.40 26.61 3.32
H30 XGG E . 17.06 27.74 3.30
H29 XGG E . 17.67 27.06 1.81
H31 XGG E . 16.82 24.85 2.37
H32 XGG E . 16.52 25.29 4.01
H35 XGG E . 14.62 26.98 4.62
H36 XGG E . 13.45 27.43 3.37
H40 XGG E . 13.37 22.98 -3.26
H41 XGG E . 12.98 27.27 -2.91
H42 XGG E . 11.18 27.02 -4.49
H45 XGG E . 12.12 21.42 -11.06
H46 XGG E . 14.20 22.33 -10.12
S SO4 F . 21.14 16.01 1.70
O1 SO4 F . 21.53 17.34 2.20
O2 SO4 F . 21.22 15.05 2.82
O3 SO4 F . 19.80 16.11 1.10
O4 SO4 F . 22.10 15.56 0.68
PB ADP G . -16.12 -17.49 -5.58
O1B ADP G . -15.06 -17.31 -4.51
O2B ADP G . -15.64 -18.35 -6.74
O3B ADP G . -16.74 -16.18 -6.02
PA ADP G . -18.37 -18.10 -3.74
O1A ADP G . -17.95 -16.89 -2.99
O2A ADP G . -18.59 -19.38 -3.03
O3A ADP G . -17.32 -18.33 -4.92
O5' ADP G . -19.69 -17.70 -4.55
C5' ADP G . -20.46 -18.74 -5.15
C4' ADP G . -21.32 -18.11 -6.21
O4' ADP G . -22.31 -17.26 -5.61
C3' ADP G . -20.58 -17.19 -7.16
O3' ADP G . -19.85 -17.96 -8.11
C2' ADP G . -21.72 -16.33 -7.73
O2' ADP G . -22.32 -16.91 -8.88
C1' ADP G . -22.72 -16.30 -6.57
N9 ADP G . -22.82 -14.99 -5.91
C8 ADP G . -22.23 -14.63 -4.72
N7 ADP G . -22.46 -13.39 -4.36
C5 ADP G . -23.27 -12.91 -5.38
C6 ADP G . -23.89 -11.66 -5.59
N6 ADP G . -23.74 -10.61 -4.79
N1 ADP G . -24.66 -11.51 -6.70
C2 ADP G . -24.79 -12.55 -7.53
N3 ADP G . -24.25 -13.76 -7.44
C4 ADP G . -23.50 -13.88 -6.34
MG MG H . -15.44 -15.43 -3.14
C4 XGG I . -1.98 -24.93 16.40
C6 XGG I . -2.35 -25.38 13.89
C9 XGG I . -5.23 -23.38 12.86
C20 XGG I . -7.81 -18.20 7.87
C21 XGG I . -8.95 -17.74 7.23
C8 XGG I . -3.98 -24.00 12.79
C19 XGG I . -7.54 -19.58 7.91
C1 XGG I . -2.19 -28.44 14.75
C2 XGG I . -2.72 -27.28 15.56
C3 XGG I . -2.08 -25.91 15.29
C5 XGG I . -0.75 -25.62 15.90
O7 XGG I . -3.65 -24.77 13.86
C10 XGG I . -5.53 -22.46 11.88
C11 XGG I . -4.62 -22.19 10.87
C12 XGG I . -3.43 -22.91 10.88
N13 XGG I . -3.10 -23.80 11.82
C14 XGG I . -4.90 -21.18 9.84
C15 XGG I . -3.98 -20.58 9.04
S16 XGG I . -4.74 -19.60 7.86
C17 XGG I . -6.28 -20.05 8.50
N18 XGG I . -6.22 -20.85 9.53
C22 XGG I . -9.83 -18.63 6.65
C23 XGG I . -9.60 -19.99 6.70
C24 XGG I . -8.45 -20.48 7.32
C25 XGG I . -8.16 -21.94 7.27
O26 XGG I . -7.42 -22.42 6.43
O27 XGG I . -8.74 -22.65 8.19
H34 XGG I . -2.13 -23.86 16.23
H33 XGG I . -2.39 -25.16 17.39
H37 XGG I . -2.29 -26.16 13.13
H38 XGG I . -1.58 -24.66 13.64
H39 XGG I . -5.95 -23.63 13.64
H43 XGG I . -7.11 -17.51 8.33
H44 XGG I . -9.14 -16.67 7.19
H28 XGG I . -2.52 -29.39 15.16
H30 XGG I . -1.10 -28.46 14.72
H29 XGG I . -2.54 -28.43 13.72
H31 XGG I . -3.80 -27.20 15.40
H32 XGG I . -2.62 -27.50 16.63
H35 XGG I . -0.25 -26.37 16.51
H36 XGG I . 0.01 -25.06 15.37
H40 XGG I . -6.50 -21.95 11.92
H41 XGG I . -2.66 -22.81 10.12
H42 XGG I . -2.90 -20.64 9.08
H45 XGG I . -10.72 -18.25 6.14
H46 XGG I . -10.31 -20.68 6.25
S SO4 J . -12.76 -28.96 18.73
O1 SO4 J . -12.85 -27.51 18.40
O2 SO4 J . -12.31 -29.09 20.13
O3 SO4 J . -11.82 -29.62 17.80
O4 SO4 J . -14.08 -29.57 18.59
#